data_9MF3
#
_entry.id   9MF3
#
_cell.length_a   134.171
_cell.length_b   134.171
_cell.length_c   132.695
_cell.angle_alpha   90.00
_cell.angle_beta   90.00
_cell.angle_gamma   90.00
#
_symmetry.space_group_name_H-M   'P 41 21 2'
#
loop_
_entity.id
_entity.type
_entity.pdbx_description
1 polymer 'L-dopachrome isomerase'
2 non-polymer 'CHLORIDE ION'
3 non-polymer 'ISOPROPYL ALCOHOL'
4 water water
#
_entity_poly.entity_id   1
_entity_poly.type   'polypeptide(L)'
_entity_poly.pdbx_seq_one_letter_code
;MAHHHHHHMGTLEAQTQGPGSMPCCQVSTNINVSDDDAKKALMQIENAISQVMNKPMGYIMSNLDYQKHMRFGGSHDGFC
FVRVTSISGISRSNNTALADKITKILASTIKVKSDRVFIEFKDCSAQNFAFNGSLFG
;
_entity_poly.pdbx_strand_id   A,B,C,D,E,F
#
# COMPACT_ATOMS: atom_id res chain seq x y z
N PRO A 19 37.31 1.99 7.48
CA PRO A 19 36.07 2.74 7.68
C PRO A 19 35.67 2.81 9.15
N GLY A 20 35.86 1.72 9.87
CA GLY A 20 35.51 1.66 11.28
C GLY A 20 34.11 1.18 11.60
N SER A 21 33.11 1.81 10.99
CA SER A 21 31.72 1.49 11.28
C SER A 21 30.88 1.89 10.08
N MET A 22 30.07 0.95 9.58
CA MET A 22 29.17 1.21 8.45
C MET A 22 27.74 0.93 8.89
N PRO A 23 26.96 1.96 9.24
CA PRO A 23 25.63 1.72 9.82
C PRO A 23 24.64 1.19 8.79
N CYS A 24 23.66 0.44 9.29
CA CYS A 24 22.60 -0.14 8.47
C CYS A 24 21.26 0.15 9.12
N CYS A 25 20.24 0.33 8.30
CA CYS A 25 18.89 0.55 8.81
C CYS A 25 17.90 -0.12 7.87
N GLN A 26 17.22 -1.16 8.37
CA GLN A 26 16.20 -1.87 7.63
CA GLN A 26 16.20 -1.90 7.65
C GLN A 26 14.85 -1.61 8.25
N VAL A 27 13.90 -1.14 7.46
CA VAL A 27 12.54 -0.87 7.88
C VAL A 27 11.65 -1.97 7.30
N SER A 28 10.97 -2.71 8.15
CA SER A 28 9.99 -3.70 7.71
C SER A 28 8.60 -3.17 8.03
N THR A 29 7.67 -3.33 7.09
CA THR A 29 6.36 -2.71 7.27
C THR A 29 5.33 -3.47 6.46
N ASN A 30 4.11 -3.54 7.00
CA ASN A 30 2.97 -4.09 6.28
C ASN A 30 2.25 -3.04 5.44
N ILE A 31 2.75 -1.82 5.40
CA ILE A 31 2.22 -0.78 4.51
C ILE A 31 2.82 -0.98 3.13
N ASN A 32 1.97 -1.06 2.12
CA ASN A 32 2.42 -1.28 0.74
C ASN A 32 2.95 0.05 0.23
N VAL A 33 4.23 0.31 0.46
CA VAL A 33 4.80 1.62 0.19
C VAL A 33 5.11 1.71 -1.30
N SER A 34 4.72 2.82 -1.92
CA SER A 34 5.06 3.08 -3.32
C SER A 34 6.56 3.24 -3.46
N ASP A 35 7.06 3.00 -4.67
CA ASP A 35 8.50 3.11 -4.90
C ASP A 35 9.00 4.50 -4.51
N ASP A 36 8.27 5.55 -4.88
CA ASP A 36 8.71 6.89 -4.55
C ASP A 36 8.70 7.13 -3.04
N ASP A 37 7.62 6.75 -2.36
CA ASP A 37 7.58 6.95 -0.91
C ASP A 37 8.68 6.17 -0.22
N ALA A 38 9.00 4.97 -0.74
CA ALA A 38 10.08 4.18 -0.16
C ALA A 38 11.42 4.90 -0.29
N LYS A 39 11.71 5.46 -1.47
CA LYS A 39 12.97 6.17 -1.63
C LYS A 39 13.00 7.43 -0.77
N LYS A 40 11.87 8.13 -0.65
CA LYS A 40 11.82 9.31 0.20
C LYS A 40 12.14 8.96 1.65
N ALA A 41 11.48 7.94 2.18
CA ALA A 41 11.72 7.55 3.57
C ALA A 41 13.17 7.12 3.79
N LEU A 42 13.71 6.33 2.86
CA LEU A 42 15.07 5.82 3.05
C LEU A 42 16.08 6.95 3.01
N MET A 43 15.86 7.97 2.16
CA MET A 43 16.81 9.07 2.08
C MET A 43 16.75 9.96 3.30
N GLN A 44 15.55 10.19 3.86
CA GLN A 44 15.47 10.96 5.09
C GLN A 44 16.11 10.19 6.24
N ILE A 45 15.91 8.87 6.29
CA ILE A 45 16.54 8.04 7.32
C ILE A 45 18.05 8.04 7.14
N GLU A 46 18.51 7.99 5.89
CA GLU A 46 19.95 8.03 5.64
C GLU A 46 20.53 9.36 6.11
N ASN A 47 19.84 10.48 5.84
CA ASN A 47 20.30 11.78 6.31
C ASN A 47 20.30 11.84 7.84
N ALA A 48 19.31 11.25 8.49
CA ALA A 48 19.31 11.21 9.95
C ALA A 48 20.49 10.40 10.48
N ILE A 49 20.77 9.24 9.89
CA ILE A 49 21.85 8.39 10.36
C ILE A 49 23.21 9.09 10.16
N SER A 50 23.39 9.72 9.01
CA SER A 50 24.64 10.45 8.77
C SER A 50 24.84 11.53 9.81
N GLN A 51 23.76 12.21 10.19
CA GLN A 51 23.83 13.27 11.19
C GLN A 51 24.19 12.73 12.56
N VAL A 52 23.46 11.72 13.02
CA VAL A 52 23.64 11.25 14.39
C VAL A 52 24.96 10.52 14.55
N MET A 53 25.28 9.63 13.62
CA MET A 53 26.48 8.81 13.69
C MET A 53 27.67 9.46 12.99
N ASN A 54 27.49 10.64 12.42
CA ASN A 54 28.58 11.40 11.82
C ASN A 54 29.36 10.53 10.84
N LYS A 55 28.62 9.93 9.91
CA LYS A 55 29.20 9.06 8.90
C LYS A 55 28.82 9.54 7.50
N PRO A 56 29.74 9.53 6.55
CA PRO A 56 29.39 9.92 5.18
C PRO A 56 28.41 8.94 4.56
N MET A 57 27.67 9.43 3.56
CA MET A 57 26.65 8.62 2.91
C MET A 57 27.23 7.34 2.32
N GLY A 58 28.50 7.37 1.91
CA GLY A 58 29.14 6.23 1.28
C GLY A 58 29.31 5.02 2.18
N TYR A 59 29.04 5.18 3.48
CA TYR A 59 29.17 4.10 4.44
C TYR A 59 27.83 3.59 4.93
N ILE A 60 26.72 4.15 4.46
CA ILE A 60 25.40 3.91 5.04
C ILE A 60 24.60 2.98 4.14
N MET A 61 23.99 1.96 4.75
CA MET A 61 23.08 1.05 4.07
C MET A 61 21.68 1.25 4.63
N SER A 62 20.68 1.19 3.77
CA SER A 62 19.30 1.32 4.20
C SER A 62 18.43 0.43 3.32
N ASN A 63 17.28 0.04 3.86
CA ASN A 63 16.37 -0.83 3.13
C ASN A 63 14.96 -0.64 3.66
N LEU A 64 13.97 -0.87 2.79
CA LEU A 64 12.58 -0.96 3.18
C LEU A 64 12.02 -2.27 2.63
N ASP A 65 11.42 -3.06 3.51
CA ASP A 65 11.00 -4.42 3.20
C ASP A 65 9.52 -4.54 3.52
N TYR A 66 8.70 -4.80 2.51
CA TYR A 66 7.25 -4.89 2.67
C TYR A 66 6.87 -6.30 3.06
N GLN A 67 6.22 -6.43 4.21
CA GLN A 67 5.79 -7.73 4.77
C GLN A 67 4.28 -7.70 4.89
N LYS A 68 3.62 -8.23 3.86
CA LYS A 68 2.16 -8.14 3.79
C LYS A 68 1.49 -8.77 5.00
N HIS A 69 2.05 -9.86 5.53
CA HIS A 69 1.40 -10.60 6.60
C HIS A 69 1.74 -10.09 8.00
N MET A 70 2.65 -9.13 8.13
CA MET A 70 3.06 -8.66 9.45
C MET A 70 1.89 -8.00 10.17
N ARG A 71 1.86 -8.18 11.48
CA ARG A 71 0.79 -7.60 12.30
C ARG A 71 1.30 -7.29 13.69
N PHE A 72 0.71 -6.26 14.29
CA PHE A 72 1.09 -5.79 15.61
C PHE A 72 -0.17 -5.59 16.44
N GLY A 73 -0.09 -5.94 17.72
CA GLY A 73 -1.24 -5.75 18.60
C GLY A 73 -2.47 -6.51 18.16
N GLY A 74 -2.29 -7.65 17.48
CA GLY A 74 -3.40 -8.40 16.97
C GLY A 74 -4.15 -7.71 15.86
N SER A 75 -3.50 -6.81 15.13
CA SER A 75 -4.16 -6.02 14.11
C SER A 75 -3.30 -5.93 12.86
N HIS A 76 -3.95 -5.78 11.71
CA HIS A 76 -3.27 -5.63 10.43
C HIS A 76 -2.99 -4.17 10.08
N ASP A 77 -3.35 -3.24 10.97
CA ASP A 77 -3.12 -1.83 10.68
C ASP A 77 -1.63 -1.57 10.44
N GLY A 78 -1.34 -0.41 9.87
CA GLY A 78 0.01 -0.04 9.53
C GLY A 78 0.98 -0.20 10.69
N PHE A 79 2.14 -0.81 10.43
CA PHE A 79 3.13 -1.05 11.47
C PHE A 79 4.50 -1.12 10.85
N CYS A 80 5.50 -0.60 11.57
CA CYS A 80 6.87 -0.66 11.12
C CYS A 80 7.76 -1.23 12.21
N PHE A 81 8.66 -2.13 11.83
CA PHE A 81 9.71 -2.63 12.71
C PHE A 81 11.05 -2.22 12.10
N VAL A 82 11.80 -1.39 12.81
CA VAL A 82 13.04 -0.83 12.29
C VAL A 82 14.21 -1.47 13.03
N ARG A 83 15.23 -1.89 12.30
CA ARG A 83 16.45 -2.38 12.93
C ARG A 83 17.61 -1.49 12.49
N VAL A 84 18.37 -0.99 13.46
CA VAL A 84 19.58 -0.21 13.22
C VAL A 84 20.76 -1.04 13.72
N THR A 85 21.74 -1.26 12.85
CA THR A 85 22.91 -2.07 13.16
C THR A 85 24.18 -1.28 12.87
N SER A 86 25.13 -1.27 13.80
CA SER A 86 26.37 -0.55 13.55
C SER A 86 27.46 -1.06 14.47
N ILE A 87 28.70 -0.92 14.01
CA ILE A 87 29.84 -1.33 14.83
C ILE A 87 30.01 -0.37 15.99
N SER A 88 30.03 0.93 15.71
CA SER A 88 30.09 1.99 16.71
C SER A 88 28.83 2.82 16.60
N GLY A 89 28.69 3.78 17.52
CA GLY A 89 27.54 4.65 17.49
C GLY A 89 26.25 4.06 18.01
N ILE A 90 26.31 3.02 18.82
CA ILE A 90 25.12 2.42 19.41
C ILE A 90 25.21 2.76 20.90
N SER A 91 24.65 3.90 21.28
CA SER A 91 24.70 4.39 22.65
C SER A 91 23.36 5.01 22.99
N ARG A 92 23.19 5.41 24.25
CA ARG A 92 21.92 5.99 24.68
C ARG A 92 21.64 7.30 23.95
N SER A 93 22.67 8.14 23.76
CA SER A 93 22.43 9.42 23.12
C SER A 93 22.02 9.25 21.66
N ASN A 94 22.73 8.38 20.92
CA ASN A 94 22.38 8.16 19.53
C ASN A 94 21.06 7.40 19.39
N ASN A 95 20.84 6.40 20.24
CA ASN A 95 19.61 5.63 20.15
C ASN A 95 18.40 6.50 20.43
N THR A 96 18.52 7.42 21.40
CA THR A 96 17.42 8.32 21.68
C THR A 96 17.12 9.21 20.47
N ALA A 97 18.15 9.85 19.92
CA ALA A 97 17.96 10.76 18.82
C ALA A 97 17.44 10.04 17.58
N LEU A 98 18.03 8.88 17.26
CA LEU A 98 17.59 8.16 16.06
C LEU A 98 16.21 7.54 16.24
N ALA A 99 15.87 7.08 17.45
CA ALA A 99 14.52 6.59 17.69
C ALA A 99 13.51 7.71 17.45
N ASP A 100 13.83 8.92 17.90
CA ASP A 100 12.95 10.06 17.68
C ASP A 100 12.87 10.40 16.19
N LYS A 101 14.02 10.52 15.53
CA LYS A 101 14.03 10.96 14.14
C LYS A 101 13.37 9.94 13.23
N ILE A 102 13.72 8.66 13.38
CA ILE A 102 13.20 7.65 12.45
C ILE A 102 11.69 7.54 12.57
N THR A 103 11.16 7.55 13.80
CA THR A 103 9.72 7.44 13.97
C THR A 103 8.97 8.60 13.31
N LYS A 104 9.49 9.82 13.46
CA LYS A 104 8.85 10.96 12.79
C LYS A 104 8.94 10.83 11.28
N ILE A 105 10.07 10.35 10.76
CA ILE A 105 10.21 10.23 9.30
C ILE A 105 9.17 9.28 8.73
N LEU A 106 9.02 8.10 9.36
CA LEU A 106 8.05 7.12 8.87
C LEU A 106 6.62 7.62 9.03
N ALA A 107 6.33 8.31 10.13
CA ALA A 107 4.98 8.82 10.34
C ALA A 107 4.59 9.81 9.26
N SER A 108 5.55 10.61 8.78
CA SER A 108 5.24 11.64 7.80
C SER A 108 5.23 11.09 6.38
N THR A 109 6.11 10.14 6.07
CA THR A 109 6.28 9.72 4.70
C THR A 109 5.35 8.59 4.28
N ILE A 110 5.12 7.61 5.16
CA ILE A 110 4.28 6.47 4.82
C ILE A 110 3.03 6.36 5.68
N LYS A 111 2.79 7.36 6.54
CA LYS A 111 1.55 7.48 7.31
C LYS A 111 1.34 6.33 8.30
N VAL A 112 2.41 5.79 8.86
CA VAL A 112 2.27 4.90 10.01
C VAL A 112 2.10 5.75 11.26
N LYS A 113 1.24 5.32 12.19
CA LYS A 113 1.11 6.02 13.46
C LYS A 113 2.36 5.77 14.31
N SER A 114 2.73 6.77 15.11
CA SER A 114 3.97 6.69 15.88
C SER A 114 3.94 5.53 16.88
N ASP A 115 2.81 5.30 17.53
CA ASP A 115 2.67 4.19 18.47
C ASP A 115 2.55 2.85 17.74
N ARG A 116 2.79 2.83 16.44
CA ARG A 116 2.88 1.60 15.66
C ARG A 116 4.26 1.43 15.06
N VAL A 117 5.30 1.90 15.77
CA VAL A 117 6.67 1.85 15.28
C VAL A 117 7.57 1.26 16.34
N PHE A 118 8.18 0.11 16.05
CA PHE A 118 9.25 -0.46 16.86
C PHE A 118 10.60 -0.08 16.28
N ILE A 119 11.59 0.08 17.15
CA ILE A 119 12.97 0.25 16.69
C ILE A 119 13.90 -0.59 17.55
N GLU A 120 14.84 -1.28 16.91
CA GLU A 120 15.78 -2.14 17.59
C GLU A 120 17.18 -1.70 17.19
N PHE A 121 18.08 -1.58 18.17
CA PHE A 121 19.45 -1.13 17.96
C PHE A 121 20.36 -2.30 18.28
N LYS A 122 21.32 -2.58 17.41
CA LYS A 122 22.22 -3.72 17.57
C LYS A 122 23.65 -3.24 17.43
N ASP A 123 24.47 -3.57 18.42
CA ASP A 123 25.89 -3.22 18.42
C ASP A 123 26.69 -4.45 18.02
N CYS A 124 27.43 -4.33 16.92
CA CYS A 124 28.20 -5.44 16.37
C CYS A 124 29.67 -5.26 16.69
N SER A 125 30.36 -6.37 16.90
CA SER A 125 31.79 -6.34 17.15
C SER A 125 32.52 -6.21 15.82
N ALA A 126 33.67 -5.54 15.85
CA ALA A 126 34.44 -5.35 14.62
C ALA A 126 35.02 -6.67 14.12
N GLN A 127 35.14 -7.67 14.98
CA GLN A 127 35.55 -9.00 14.56
C GLN A 127 34.41 -9.78 13.91
N ASN A 128 33.17 -9.32 14.09
CA ASN A 128 32.00 -9.95 13.49
C ASN A 128 31.54 -9.28 12.21
N PHE A 129 32.11 -8.14 11.83
CA PHE A 129 31.68 -7.46 10.61
C PHE A 129 32.77 -7.48 9.54
N ALA A 130 32.34 -7.58 8.29
CA ALA A 130 33.27 -7.63 7.16
C ALA A 130 32.77 -6.73 6.04
N PHE A 131 33.73 -6.19 5.28
CA PHE A 131 33.45 -5.33 4.14
C PHE A 131 34.54 -5.60 3.11
N ASN A 132 34.14 -5.81 1.85
CA ASN A 132 35.10 -6.11 0.78
C ASN A 132 35.94 -7.33 1.12
N GLY A 133 35.33 -8.30 1.80
CA GLY A 133 35.99 -9.55 2.10
C GLY A 133 36.92 -9.54 3.31
N SER A 134 37.01 -8.43 4.02
CA SER A 134 37.94 -8.29 5.13
C SER A 134 37.23 -7.83 6.38
N LEU A 135 37.60 -8.41 7.51
CA LEU A 135 37.02 -8.01 8.79
C LEU A 135 37.50 -6.64 9.20
N PHE A 136 36.64 -5.93 9.96
CA PHE A 136 36.99 -4.59 10.43
C PHE A 136 38.02 -4.60 11.54
N GLY A 137 38.45 -5.75 12.04
CA GLY A 137 39.51 -5.79 13.03
C GLY A 137 39.18 -6.61 14.24
N PRO B 19 23.04 -32.23 17.58
CA PRO B 19 23.88 -31.78 16.46
C PRO B 19 24.93 -30.76 16.88
N GLY B 20 24.64 -30.00 17.93
CA GLY B 20 25.60 -29.03 18.43
C GLY B 20 25.45 -27.64 17.86
N SER B 21 25.68 -27.50 16.54
CA SER B 21 25.58 -26.21 15.89
C SER B 21 25.03 -26.39 14.48
N MET B 22 24.06 -25.55 14.12
CA MET B 22 23.44 -25.58 12.79
C MET B 22 23.60 -24.23 12.14
N PRO B 23 24.57 -24.05 11.24
CA PRO B 23 24.85 -22.70 10.71
C PRO B 23 23.78 -22.22 9.75
N CYS B 24 23.62 -20.90 9.68
CA CYS B 24 22.67 -20.27 8.79
C CYS B 24 23.34 -19.13 8.04
N CYS B 25 22.94 -18.91 6.80
CA CYS B 25 23.49 -17.81 6.00
C CYS B 25 22.38 -17.24 5.14
N GLN B 26 21.93 -16.03 5.49
CA GLN B 26 20.97 -15.28 4.69
C GLN B 26 21.71 -14.22 3.89
N VAL B 27 21.39 -14.12 2.61
CA VAL B 27 21.96 -13.09 1.73
C VAL B 27 20.80 -12.22 1.27
N SER B 28 20.88 -10.93 1.57
CA SER B 28 19.90 -9.94 1.11
C SER B 28 20.57 -9.11 0.01
N THR B 29 19.83 -8.82 -1.05
CA THR B 29 20.44 -8.15 -2.19
C THR B 29 19.38 -7.41 -2.99
N ASN B 30 19.78 -6.26 -3.52
CA ASN B 30 18.94 -5.51 -4.45
C ASN B 30 19.14 -5.95 -5.90
N ILE B 31 19.97 -6.97 -6.14
CA ILE B 31 20.12 -7.54 -7.47
C ILE B 31 19.01 -8.55 -7.70
N ASN B 32 18.25 -8.37 -8.77
CA ASN B 32 17.12 -9.26 -9.06
C ASN B 32 17.66 -10.53 -9.71
N VAL B 33 18.05 -11.48 -8.87
CA VAL B 33 18.76 -12.68 -9.31
C VAL B 33 17.76 -13.69 -9.86
N SER B 34 18.11 -14.31 -10.98
CA SER B 34 17.29 -15.38 -11.50
C SER B 34 17.30 -16.57 -10.54
N ASP B 35 16.26 -17.39 -10.62
CA ASP B 35 16.15 -18.53 -9.71
C ASP B 35 17.38 -19.43 -9.81
N ASP B 36 17.85 -19.68 -11.03
CA ASP B 36 19.02 -20.54 -11.18
C ASP B 36 20.26 -19.92 -10.54
N ASP B 37 20.50 -18.63 -10.80
CA ASP B 37 21.68 -17.99 -10.22
C ASP B 37 21.60 -17.96 -8.70
N ALA B 38 20.40 -17.80 -8.15
CA ALA B 38 20.25 -17.81 -6.70
C ALA B 38 20.65 -19.15 -6.12
N LYS B 39 20.19 -20.25 -6.73
CA LYS B 39 20.56 -21.57 -6.23
C LYS B 39 22.05 -21.83 -6.42
N LYS B 40 22.62 -21.34 -7.52
CA LYS B 40 24.05 -21.51 -7.74
C LYS B 40 24.83 -20.86 -6.61
N ALA B 41 24.52 -19.60 -6.29
CA ALA B 41 25.24 -18.92 -5.23
C ALA B 41 25.05 -19.61 -3.89
N LEU B 42 23.82 -20.03 -3.58
CA LEU B 42 23.56 -20.60 -2.26
C LEU B 42 24.30 -21.91 -2.07
N MET B 43 24.42 -22.73 -3.13
CA MET B 43 25.14 -23.99 -3.00
C MET B 43 26.64 -23.77 -2.83
N GLN B 44 27.19 -22.76 -3.51
CA GLN B 44 28.61 -22.47 -3.29
C GLN B 44 28.84 -21.97 -1.87
N ILE B 45 27.93 -21.13 -1.35
CA ILE B 45 28.05 -20.66 0.03
C ILE B 45 27.85 -21.80 1.01
N GLU B 46 26.91 -22.70 0.72
CA GLU B 46 26.69 -23.86 1.60
C GLU B 46 27.94 -24.73 1.65
N ASN B 47 28.59 -24.92 0.50
CA ASN B 47 29.85 -25.66 0.46
C ASN B 47 30.95 -24.94 1.24
N ALA B 48 31.01 -23.61 1.14
CA ALA B 48 32.01 -22.88 1.92
C ALA B 48 31.77 -23.04 3.42
N ILE B 49 30.50 -22.96 3.85
CA ILE B 49 30.18 -23.08 5.27
C ILE B 49 30.52 -24.48 5.77
N SER B 50 30.24 -25.50 4.97
CA SER B 50 30.56 -26.87 5.39
C SER B 50 32.06 -27.03 5.59
N GLN B 51 32.86 -26.41 4.72
CA GLN B 51 34.31 -26.51 4.83
C GLN B 51 34.82 -25.80 6.07
N VAL B 52 34.43 -24.55 6.26
CA VAL B 52 35.03 -23.75 7.33
C VAL B 52 34.55 -24.23 8.69
N MET B 53 33.25 -24.48 8.83
CA MET B 53 32.67 -24.90 10.10
C MET B 53 32.63 -26.42 10.25
N ASN B 54 33.10 -27.16 9.24
CA ASN B 54 33.20 -28.62 9.34
C ASN B 54 31.87 -29.22 9.79
N LYS B 55 30.82 -28.88 9.06
CA LYS B 55 29.48 -29.37 9.35
C LYS B 55 28.89 -30.05 8.12
N PRO B 56 28.23 -31.19 8.26
CA PRO B 56 27.58 -31.82 7.10
C PRO B 56 26.47 -30.94 6.54
N MET B 57 26.17 -31.15 5.26
CA MET B 57 25.19 -30.30 4.59
C MET B 57 23.82 -30.39 5.28
N GLY B 58 23.52 -31.50 5.94
CA GLY B 58 22.21 -31.69 6.56
C GLY B 58 21.91 -30.74 7.69
N TYR B 59 22.90 -29.98 8.15
CA TYR B 59 22.71 -29.04 9.24
C TYR B 59 22.73 -27.59 8.79
N ILE B 60 22.88 -27.34 7.49
CA ILE B 60 23.16 -25.99 6.99
C ILE B 60 21.91 -25.40 6.36
N MET B 61 21.61 -24.16 6.74
CA MET B 61 20.51 -23.40 6.16
C MET B 61 21.09 -22.24 5.36
N SER B 62 20.46 -21.94 4.23
CA SER B 62 20.88 -20.82 3.41
C SER B 62 19.64 -20.20 2.77
N ASN B 63 19.76 -18.92 2.40
CA ASN B 63 18.65 -18.21 1.77
C ASN B 63 19.21 -17.04 0.97
N LEU B 64 18.50 -16.67 -0.09
CA LEU B 64 18.77 -15.45 -0.83
C LEU B 64 17.45 -14.67 -0.90
N ASP B 65 17.52 -13.40 -0.53
CA ASP B 65 16.32 -12.57 -0.36
C ASP B 65 16.50 -11.31 -1.19
N TYR B 66 15.63 -11.12 -2.18
CA TYR B 66 15.69 -9.98 -3.08
C TYR B 66 14.91 -8.81 -2.46
N GLN B 67 15.61 -7.71 -2.23
CA GLN B 67 15.05 -6.50 -1.63
C GLN B 67 15.21 -5.38 -2.65
N LYS B 68 14.15 -5.13 -3.42
CA LYS B 68 14.24 -4.17 -4.51
C LYS B 68 14.66 -2.78 -4.01
N HIS B 69 14.22 -2.40 -2.82
CA HIS B 69 14.45 -1.05 -2.33
C HIS B 69 15.78 -0.89 -1.61
N MET B 70 16.54 -1.97 -1.38
CA MET B 70 17.78 -1.84 -0.65
C MET B 70 18.75 -0.93 -1.40
N ARG B 71 19.51 -0.14 -0.64
CA ARG B 71 20.47 0.77 -1.23
C ARG B 71 21.64 0.97 -0.28
N PHE B 72 22.80 1.20 -0.86
CA PHE B 72 24.03 1.39 -0.11
C PHE B 72 24.81 2.57 -0.68
N GLY B 73 25.43 3.34 0.21
CA GLY B 73 26.19 4.49 -0.26
C GLY B 73 25.36 5.50 -1.02
N GLY B 74 24.08 5.61 -0.70
CA GLY B 74 23.19 6.49 -1.43
C GLY B 74 22.94 6.05 -2.85
N SER B 75 23.08 4.77 -3.14
CA SER B 75 22.97 4.26 -4.49
C SER B 75 22.18 2.95 -4.52
N HIS B 76 21.53 2.72 -5.66
CA HIS B 76 20.80 1.48 -5.90
C HIS B 76 21.63 0.44 -6.63
N ASP B 77 22.91 0.72 -6.91
CA ASP B 77 23.75 -0.25 -7.60
C ASP B 77 23.79 -1.55 -6.80
N GLY B 78 24.28 -2.61 -7.44
CA GLY B 78 24.32 -3.91 -6.81
C GLY B 78 24.93 -3.92 -5.43
N PHE B 79 24.26 -4.56 -4.47
CA PHE B 79 24.72 -4.60 -3.09
C PHE B 79 24.18 -5.85 -2.43
N CYS B 80 25.01 -6.45 -1.56
CA CYS B 80 24.62 -7.63 -0.81
C CYS B 80 24.92 -7.42 0.65
N PHE B 81 23.99 -7.80 1.51
CA PHE B 81 24.19 -7.84 2.96
C PHE B 81 24.05 -9.29 3.40
N VAL B 82 25.12 -9.86 3.94
CA VAL B 82 25.12 -11.27 4.30
C VAL B 82 25.18 -11.37 5.82
N ARG B 83 24.33 -12.23 6.39
CA ARG B 83 24.35 -12.57 7.80
C ARG B 83 24.64 -14.05 7.98
N VAL B 84 25.64 -14.36 8.81
CA VAL B 84 26.00 -15.72 9.17
C VAL B 84 25.69 -15.93 10.65
N THR B 85 24.90 -16.94 10.96
CA THR B 85 24.47 -17.21 12.32
C THR B 85 24.80 -18.65 12.69
N SER B 86 25.44 -18.84 13.84
CA SER B 86 25.78 -20.19 14.29
C SER B 86 26.04 -20.17 15.78
N ILE B 87 25.82 -21.33 16.42
CA ILE B 87 26.10 -21.45 17.85
C ILE B 87 27.60 -21.46 18.10
N SER B 88 28.32 -22.28 17.33
CA SER B 88 29.78 -22.34 17.35
C SER B 88 30.32 -21.95 15.99
N GLY B 89 31.64 -21.88 15.88
CA GLY B 89 32.27 -21.52 14.62
C GLY B 89 32.22 -20.04 14.29
N ILE B 90 32.09 -19.18 15.29
CA ILE B 90 31.98 -17.73 15.10
C ILE B 90 33.23 -17.09 15.68
N SER B 91 34.39 -17.63 15.33
CA SER B 91 35.66 -17.11 15.80
C SER B 91 36.32 -16.28 14.70
N ARG B 92 37.44 -15.62 15.05
CA ARG B 92 38.09 -14.77 14.07
C ARG B 92 38.60 -15.59 12.89
N SER B 93 39.12 -16.79 13.15
CA SER B 93 39.68 -17.59 12.07
C SER B 93 38.60 -17.98 11.06
N ASN B 94 37.45 -18.44 11.55
CA ASN B 94 36.37 -18.80 10.65
C ASN B 94 35.77 -17.58 9.97
N ASN B 95 35.60 -16.48 10.71
CA ASN B 95 35.00 -15.29 10.12
C ASN B 95 35.87 -14.73 9.00
N THR B 96 37.19 -14.77 9.18
CA THR B 96 38.06 -14.32 8.11
C THR B 96 37.89 -15.17 6.85
N ALA B 97 37.96 -16.49 7.00
CA ALA B 97 37.88 -17.36 5.83
C ALA B 97 36.54 -17.21 5.13
N LEU B 98 35.45 -17.21 5.89
CA LEU B 98 34.13 -17.12 5.28
C LEU B 98 33.86 -15.73 4.71
N ALA B 99 34.38 -14.68 5.34
CA ALA B 99 34.21 -13.35 4.76
C ALA B 99 34.87 -13.27 3.40
N ASP B 100 36.05 -13.86 3.25
CA ASP B 100 36.73 -13.88 1.96
C ASP B 100 35.98 -14.74 0.96
N LYS B 101 35.63 -15.97 1.36
CA LYS B 101 35.03 -16.91 0.40
C LYS B 101 33.67 -16.42 -0.08
N ILE B 102 32.83 -15.98 0.85
CA ILE B 102 31.47 -15.57 0.46
C ILE B 102 31.51 -14.40 -0.50
N THR B 103 32.36 -13.42 -0.22
CA THR B 103 32.44 -12.25 -1.08
C THR B 103 32.86 -12.64 -2.50
N LYS B 104 33.85 -13.54 -2.62
CA LYS B 104 34.24 -14.01 -3.94
C LYS B 104 33.10 -14.77 -4.62
N ILE B 105 32.35 -15.58 -3.86
CA ILE B 105 31.25 -16.33 -4.47
C ILE B 105 30.20 -15.39 -5.03
N LEU B 106 29.80 -14.38 -4.25
CA LEU B 106 28.77 -13.46 -4.72
C LEU B 106 29.28 -12.63 -5.90
N ALA B 107 30.55 -12.19 -5.85
CA ALA B 107 31.11 -11.42 -6.94
C ALA B 107 31.14 -12.23 -8.23
N SER B 108 31.35 -13.54 -8.14
CA SER B 108 31.43 -14.36 -9.34
C SER B 108 30.07 -14.77 -9.87
N THR B 109 29.12 -15.04 -8.97
CA THR B 109 27.86 -15.66 -9.39
C THR B 109 26.79 -14.63 -9.79
N ILE B 110 26.65 -13.55 -9.03
CA ILE B 110 25.67 -12.51 -9.32
C ILE B 110 26.31 -11.18 -9.66
N LYS B 111 27.63 -11.12 -9.76
CA LYS B 111 28.35 -9.96 -10.29
C LYS B 111 28.15 -8.70 -9.44
N VAL B 112 28.03 -8.89 -8.14
CA VAL B 112 28.09 -7.76 -7.22
C VAL B 112 29.56 -7.39 -7.02
N LYS B 113 29.83 -6.10 -6.90
CA LYS B 113 31.19 -5.67 -6.62
C LYS B 113 31.57 -6.04 -5.18
N SER B 114 32.84 -6.36 -4.98
CA SER B 114 33.28 -6.79 -3.65
C SER B 114 33.11 -5.67 -2.63
N ASP B 115 33.43 -4.43 -3.02
CA ASP B 115 33.26 -3.29 -2.11
C ASP B 115 31.78 -2.89 -1.93
N ARG B 116 30.88 -3.72 -2.44
CA ARG B 116 29.44 -3.57 -2.22
C ARG B 116 28.88 -4.79 -1.50
N VAL B 117 29.67 -5.40 -0.63
CA VAL B 117 29.26 -6.60 0.10
C VAL B 117 29.55 -6.42 1.58
N PHE B 118 28.50 -6.44 2.40
CA PHE B 118 28.63 -6.49 3.84
C PHE B 118 28.48 -7.95 4.31
N ILE B 119 29.16 -8.28 5.39
CA ILE B 119 28.95 -9.58 6.04
C ILE B 119 28.90 -9.38 7.54
N GLU B 120 27.95 -10.03 8.19
CA GLU B 120 27.78 -9.89 9.63
C GLU B 120 27.81 -11.27 10.24
N PHE B 121 28.55 -11.43 11.33
CA PHE B 121 28.68 -12.72 12.00
C PHE B 121 28.04 -12.66 13.39
N LYS B 122 27.22 -13.67 13.73
CA LYS B 122 26.50 -13.70 15.00
C LYS B 122 26.71 -15.03 15.72
N ASP B 123 27.10 -14.93 16.98
CA ASP B 123 27.37 -16.07 17.83
C ASP B 123 26.16 -16.29 18.72
N CYS B 124 25.55 -17.45 18.61
CA CYS B 124 24.33 -17.75 19.34
C CYS B 124 24.59 -18.70 20.50
N SER B 125 23.86 -18.49 21.59
CA SER B 125 23.94 -19.37 22.74
C SER B 125 23.10 -20.60 22.46
N ALA B 126 23.54 -21.74 22.97
CA ALA B 126 22.81 -22.97 22.67
C ALA B 126 21.49 -23.05 23.40
N GLN B 127 21.30 -22.29 24.47
CA GLN B 127 19.99 -22.27 25.11
C GLN B 127 18.98 -21.41 24.37
N ASN B 128 19.43 -20.56 23.45
CA ASN B 128 18.59 -19.70 22.65
C ASN B 128 18.22 -20.30 21.30
N PHE B 129 18.80 -21.45 20.95
CA PHE B 129 18.49 -22.09 19.68
C PHE B 129 17.70 -23.38 19.93
N ALA B 130 16.78 -23.68 19.02
CA ALA B 130 15.95 -24.86 19.13
C ALA B 130 15.83 -25.53 17.77
N PHE B 131 15.70 -26.85 17.81
CA PHE B 131 15.53 -27.68 16.61
C PHE B 131 14.60 -28.82 17.00
N ASN B 132 13.60 -29.09 16.16
CA ASN B 132 12.63 -30.16 16.43
C ASN B 132 11.96 -29.95 17.79
N GLY B 133 11.75 -28.69 18.16
CA GLY B 133 11.04 -28.38 19.38
C GLY B 133 11.87 -28.42 20.65
N SER B 134 13.18 -28.66 20.55
CA SER B 134 14.04 -28.84 21.72
C SER B 134 15.24 -27.92 21.63
N LEU B 135 15.56 -27.28 22.77
CA LEU B 135 16.70 -26.34 22.84
C LEU B 135 18.00 -27.13 22.74
N PHE B 136 19.06 -26.56 22.16
CA PHE B 136 20.34 -27.27 21.94
C PHE B 136 21.14 -27.32 23.20
N GLY B 137 21.09 -26.28 24.01
CA GLY B 137 21.92 -26.17 25.22
C GLY B 137 21.08 -26.43 26.44
N PRO C 19 5.75 0.03 28.88
CA PRO C 19 5.23 -1.33 28.69
C PRO C 19 6.21 -2.42 29.13
N GLY C 20 7.49 -2.07 29.25
CA GLY C 20 8.48 -3.03 29.71
C GLY C 20 9.11 -3.87 28.62
N SER C 21 8.33 -4.77 28.04
CA SER C 21 8.80 -5.70 27.02
C SER C 21 7.71 -5.91 25.99
N MET C 22 8.09 -5.85 24.71
CA MET C 22 7.16 -6.08 23.60
C MET C 22 7.67 -7.21 22.73
N PRO C 23 7.15 -8.43 22.87
CA PRO C 23 7.74 -9.57 22.16
C PRO C 23 7.45 -9.51 20.67
N CYS C 24 8.36 -10.08 19.90
CA CYS C 24 8.24 -10.15 18.45
C CYS C 24 8.57 -11.57 18.00
N CYS C 25 7.88 -12.03 16.96
CA CYS C 25 8.13 -13.35 16.41
C CYS C 25 7.99 -13.29 14.90
N GLN C 26 9.12 -13.50 14.20
CA GLN C 26 9.18 -13.52 12.75
C GLN C 26 9.42 -14.94 12.28
N VAL C 27 8.55 -15.45 11.41
CA VAL C 27 8.69 -16.79 10.86
C VAL C 27 9.07 -16.64 9.39
N SER C 28 10.20 -17.21 9.00
CA SER C 28 10.63 -17.23 7.61
C SER C 28 10.45 -18.65 7.08
N THR C 29 9.96 -18.79 5.86
CA THR C 29 9.66 -20.13 5.36
C THR C 29 9.69 -20.13 3.84
N ASN C 30 10.15 -21.25 3.27
CA ASN C 30 10.09 -21.48 1.84
C ASN C 30 8.78 -22.12 1.40
N ILE C 31 7.85 -22.31 2.33
CA ILE C 31 6.51 -22.79 2.02
C ILE C 31 5.67 -21.59 1.57
N ASN C 32 5.07 -21.70 0.38
CA ASN C 32 4.27 -20.59 -0.14
C ASN C 32 2.91 -20.66 0.53
N VAL C 33 2.81 -20.03 1.70
CA VAL C 33 1.63 -20.14 2.54
C VAL C 33 0.57 -19.16 2.04
N SER C 34 -0.66 -19.62 1.99
CA SER C 34 -1.79 -18.75 1.65
C SER C 34 -1.97 -17.68 2.72
N ASP C 35 -2.62 -16.58 2.33
CA ASP C 35 -2.83 -15.46 3.24
C ASP C 35 -3.54 -15.91 4.51
N ASP C 36 -4.58 -16.72 4.37
CA ASP C 36 -5.33 -17.14 5.55
C ASP C 36 -4.51 -18.08 6.44
N ASP C 37 -3.78 -19.03 5.84
CA ASP C 37 -2.95 -19.92 6.64
C ASP C 37 -1.88 -19.15 7.38
N ALA C 38 -1.34 -18.09 6.77
CA ALA C 38 -0.36 -17.26 7.45
C ALA C 38 -0.97 -16.59 8.67
N LYS C 39 -2.18 -16.03 8.50
CA LYS C 39 -2.83 -15.35 9.62
C LYS C 39 -3.18 -16.31 10.74
N LYS C 40 -3.63 -17.53 10.41
CA LYS C 40 -3.89 -18.51 11.45
C LYS C 40 -2.61 -18.88 12.20
N ALA C 41 -1.52 -19.17 11.48
CA ALA C 41 -0.29 -19.53 12.17
C ALA C 41 0.15 -18.40 13.08
N LEU C 42 0.07 -17.16 12.59
CA LEU C 42 0.53 -16.02 13.38
C LEU C 42 -0.34 -15.80 14.61
N MET C 43 -1.65 -16.02 14.51
CA MET C 43 -2.51 -15.83 15.67
C MET C 43 -2.31 -16.94 16.71
N GLN C 44 -2.09 -18.17 16.27
CA GLN C 44 -1.80 -19.24 17.22
C GLN C 44 -0.46 -18.99 17.92
N ILE C 45 0.54 -18.52 17.18
CA ILE C 45 1.83 -18.19 17.79
C ILE C 45 1.69 -16.99 18.71
N GLU C 46 0.87 -16.01 18.33
CA GLU C 46 0.65 -14.85 19.19
C GLU C 46 0.02 -15.26 20.52
N ASN C 47 -0.94 -16.18 20.47
CA ASN C 47 -1.55 -16.70 21.69
C ASN C 47 -0.53 -17.44 22.55
N ALA C 48 0.35 -18.22 21.92
CA ALA C 48 1.39 -18.91 22.68
C ALA C 48 2.31 -17.92 23.35
N ILE C 49 2.69 -16.84 22.64
CA ILE C 49 3.58 -15.84 23.21
C ILE C 49 2.90 -15.13 24.37
N SER C 50 1.61 -14.80 24.22
CA SER C 50 0.90 -14.14 25.29
C SER C 50 0.84 -15.01 26.54
N GLN C 51 0.64 -16.32 26.36
CA GLN C 51 0.58 -17.24 27.49
C GLN C 51 1.94 -17.35 28.18
N VAL C 52 2.99 -17.63 27.42
CA VAL C 52 4.28 -17.92 28.03
C VAL C 52 4.89 -16.66 28.60
N MET C 53 4.84 -15.55 27.86
CA MET C 53 5.42 -14.29 28.30
C MET C 53 4.41 -13.42 29.04
N ASN C 54 3.18 -13.89 29.18
CA ASN C 54 2.16 -13.23 30.01
C ASN C 54 2.03 -11.76 29.63
N LYS C 55 1.86 -11.51 28.34
CA LYS C 55 1.73 -10.16 27.82
C LYS C 55 0.45 -10.02 27.01
N PRO C 56 -0.28 -8.90 27.16
CA PRO C 56 -1.50 -8.72 26.37
C PRO C 56 -1.20 -8.62 24.89
N MET C 57 -2.21 -8.96 24.08
CA MET C 57 -2.05 -8.98 22.64
C MET C 57 -1.62 -7.62 22.11
N GLY C 58 -1.96 -6.54 22.80
CA GLY C 58 -1.63 -5.20 22.34
C GLY C 58 -0.16 -4.90 22.29
N TYR C 59 0.68 -5.78 22.85
CA TYR C 59 2.11 -5.59 22.89
C TYR C 59 2.88 -6.57 22.00
N ILE C 60 2.20 -7.44 21.27
CA ILE C 60 2.84 -8.54 20.57
C ILE C 60 2.88 -8.25 19.07
N MET C 61 4.05 -8.46 18.46
CA MET C 61 4.23 -8.37 17.02
C MET C 61 4.53 -9.75 16.45
N SER C 62 4.00 -10.04 15.27
CA SER C 62 4.29 -11.30 14.60
C SER C 62 4.33 -11.07 13.10
N ASN C 63 5.03 -11.96 12.39
CA ASN C 63 5.13 -11.85 10.95
C ASN C 63 5.41 -13.21 10.36
N LEU C 64 4.98 -13.41 9.12
CA LEU C 64 5.37 -14.56 8.32
C LEU C 64 5.95 -14.06 7.01
N ASP C 65 7.14 -14.55 6.66
CA ASP C 65 7.91 -14.03 5.53
C ASP C 65 8.24 -15.21 4.61
N TYR C 66 7.71 -15.17 3.38
CA TYR C 66 7.90 -16.25 2.42
C TYR C 66 9.20 -16.00 1.66
N GLN C 67 10.12 -16.97 1.74
CA GLN C 67 11.43 -16.89 1.09
C GLN C 67 11.52 -18.06 0.13
N LYS C 68 11.20 -17.79 -1.14
CA LYS C 68 11.11 -18.84 -2.14
C LYS C 68 12.42 -19.61 -2.27
N HIS C 69 13.55 -18.91 -2.15
CA HIS C 69 14.84 -19.54 -2.37
C HIS C 69 15.43 -20.20 -1.14
N MET C 70 14.82 -20.04 0.03
CA MET C 70 15.38 -20.61 1.26
C MET C 70 15.47 -22.13 1.15
N ARG C 71 16.52 -22.69 1.72
CA ARG C 71 16.73 -24.14 1.68
C ARG C 71 17.49 -24.59 2.92
N PHE C 72 17.22 -25.82 3.34
CA PHE C 72 17.84 -26.39 4.52
C PHE C 72 18.29 -27.81 4.23
N GLY C 73 19.44 -28.18 4.78
CA GLY C 73 19.99 -29.50 4.57
C GLY C 73 20.26 -29.84 3.12
N GLY C 74 20.55 -28.82 2.31
CA GLY C 74 20.70 -29.03 0.89
C GLY C 74 19.41 -29.36 0.17
N SER C 75 18.27 -28.93 0.72
CA SER C 75 16.97 -29.28 0.17
C SER C 75 16.04 -28.07 0.20
N HIS C 76 15.11 -28.06 -0.75
CA HIS C 76 14.08 -27.02 -0.81
C HIS C 76 12.79 -27.45 -0.12
N ASP C 77 12.75 -28.62 0.49
CA ASP C 77 11.54 -29.07 1.17
C ASP C 77 11.15 -28.05 2.25
N GLY C 78 9.92 -28.18 2.73
CA GLY C 78 9.39 -27.22 3.68
C GLY C 78 10.33 -26.96 4.84
N PHE C 79 10.54 -25.69 5.17
CA PHE C 79 11.44 -25.32 6.25
C PHE C 79 11.03 -23.97 6.82
N CYS C 80 11.16 -23.84 8.13
CA CYS C 80 10.85 -22.59 8.82
C CYS C 80 12.01 -22.21 9.72
N PHE C 81 12.38 -20.93 9.69
CA PHE C 81 13.33 -20.35 10.62
C PHE C 81 12.58 -19.29 11.42
N VAL C 82 12.44 -19.50 12.72
CA VAL C 82 11.65 -18.62 13.58
C VAL C 82 12.60 -17.85 14.48
N ARG C 83 12.38 -16.56 14.61
CA ARG C 83 13.09 -15.71 15.55
C ARG C 83 12.11 -15.11 16.56
N VAL C 84 12.43 -15.24 17.84
CA VAL C 84 11.67 -14.63 18.92
C VAL C 84 12.57 -13.60 19.59
N THR C 85 12.10 -12.35 19.66
CA THR C 85 12.88 -11.25 20.21
C THR C 85 12.08 -10.55 21.30
N SER C 86 12.70 -10.33 22.45
CA SER C 86 12.01 -9.66 23.55
C SER C 86 13.04 -9.09 24.51
N ILE C 87 12.63 -8.03 25.22
CA ILE C 87 13.50 -7.45 26.24
C ILE C 87 13.61 -8.38 27.45
N SER C 88 12.47 -8.88 27.92
CA SER C 88 12.39 -9.85 29.00
C SER C 88 11.73 -11.13 28.46
N GLY C 89 11.66 -12.15 29.30
CA GLY C 89 11.05 -13.40 28.90
C GLY C 89 11.89 -14.27 28.01
N ILE C 90 13.22 -14.11 28.05
CA ILE C 90 14.13 -14.88 27.20
C ILE C 90 14.96 -15.78 28.10
N SER C 91 14.29 -16.50 29.00
CA SER C 91 14.94 -17.41 29.92
C SER C 91 14.77 -18.84 29.40
N ARG C 92 15.47 -19.77 30.04
CA ARG C 92 15.42 -21.14 29.54
C ARG C 92 14.02 -21.72 29.68
N SER C 93 13.33 -21.37 30.77
CA SER C 93 11.99 -21.93 31.00
C SER C 93 11.02 -21.47 29.92
N ASN C 94 11.05 -20.18 29.57
CA ASN C 94 10.16 -19.71 28.51
C ASN C 94 10.61 -20.23 27.15
N ASN C 95 11.92 -20.28 26.90
CA ASN C 95 12.39 -20.72 25.58
C ASN C 95 12.00 -22.16 25.31
N THR C 96 12.08 -23.02 26.33
CA THR C 96 11.67 -24.41 26.14
C THR C 96 10.19 -24.50 25.79
N ALA C 97 9.33 -23.80 26.54
CA ALA C 97 7.90 -23.88 26.28
C ALA C 97 7.55 -23.32 24.90
N LEU C 98 8.13 -22.17 24.55
CA LEU C 98 7.81 -21.57 23.26
C LEU C 98 8.39 -22.36 22.10
N ALA C 99 9.59 -22.95 22.27
CA ALA C 99 10.14 -23.79 21.23
C ALA C 99 9.23 -24.97 20.95
N ASP C 100 8.69 -25.58 22.01
CA ASP C 100 7.77 -26.70 21.82
C ASP C 100 6.47 -26.23 21.19
N LYS C 101 5.87 -25.15 21.72
CA LYS C 101 4.57 -24.72 21.24
C LYS C 101 4.62 -24.26 19.79
N ILE C 102 5.60 -23.42 19.46
CA ILE C 102 5.66 -22.85 18.11
C ILE C 102 5.86 -23.94 17.07
N THR C 103 6.75 -24.90 17.35
CA THR C 103 6.98 -25.98 16.39
C THR C 103 5.72 -26.78 16.14
N LYS C 104 4.96 -27.11 17.19
CA LYS C 104 3.71 -27.83 16.97
C LYS C 104 2.72 -26.99 16.16
N ILE C 105 2.65 -25.68 16.44
CA ILE C 105 1.71 -24.83 15.70
C ILE C 105 2.07 -24.84 14.22
N LEU C 106 3.35 -24.64 13.90
CA LEU C 106 3.75 -24.60 12.49
C LEU C 106 3.53 -25.94 11.81
N ALA C 107 3.80 -27.04 12.51
CA ALA C 107 3.60 -28.36 11.92
C ALA C 107 2.14 -28.59 11.57
N SER C 108 1.22 -28.05 12.40
CA SER C 108 -0.19 -28.30 12.16
C SER C 108 -0.76 -27.34 11.13
N THR C 109 -0.30 -26.09 11.11
CA THR C 109 -0.99 -25.07 10.33
C THR C 109 -0.50 -25.02 8.88
N ILE C 110 0.81 -25.12 8.69
CA ILE C 110 1.41 -25.11 7.35
C ILE C 110 2.07 -26.44 7.03
N LYS C 111 1.97 -27.43 7.90
CA LYS C 111 2.37 -28.82 7.60
C LYS C 111 3.85 -28.91 7.26
N VAL C 112 4.67 -28.10 7.94
CA VAL C 112 6.11 -28.27 7.90
C VAL C 112 6.49 -29.39 8.86
N LYS C 113 7.51 -30.16 8.50
CA LYS C 113 7.99 -31.23 9.36
C LYS C 113 8.65 -30.63 10.60
N SER C 114 8.50 -31.32 11.74
CA SER C 114 9.04 -30.78 12.98
C SER C 114 10.56 -30.65 12.91
N ASP C 115 11.24 -31.63 12.33
CA ASP C 115 12.69 -31.61 12.16
C ASP C 115 13.13 -30.66 11.05
N ARG C 116 12.22 -29.85 10.52
CA ARG C 116 12.54 -28.80 9.56
C ARG C 116 12.20 -27.42 10.13
N VAL C 117 12.33 -27.24 11.44
CA VAL C 117 11.98 -25.97 12.09
C VAL C 117 13.11 -25.53 12.99
N PHE C 118 13.71 -24.39 12.69
CA PHE C 118 14.66 -23.72 13.58
C PHE C 118 13.93 -22.67 14.40
N ILE C 119 14.40 -22.45 15.63
CA ILE C 119 13.91 -21.35 16.44
C ILE C 119 15.09 -20.68 17.13
N GLU C 120 15.12 -19.35 17.12
CA GLU C 120 16.22 -18.58 17.68
C GLU C 120 15.63 -17.54 18.63
N PHE C 121 16.21 -17.42 19.81
CA PHE C 121 15.72 -16.52 20.85
C PHE C 121 16.74 -15.44 21.11
N LYS C 122 16.28 -14.20 21.18
CA LYS C 122 17.18 -13.07 21.32
C LYS C 122 16.73 -12.18 22.48
N ASP C 123 17.65 -11.90 23.39
CA ASP C 123 17.39 -11.01 24.51
C ASP C 123 17.93 -9.63 24.15
N CYS C 124 17.06 -8.63 24.14
CA CYS C 124 17.37 -7.26 23.76
C CYS C 124 17.47 -6.41 25.02
N SER C 125 18.37 -5.44 24.99
CA SER C 125 18.49 -4.51 26.10
C SER C 125 17.44 -3.41 25.95
N ALA C 126 16.87 -2.97 27.07
CA ALA C 126 15.83 -1.95 27.00
C ALA C 126 16.35 -0.60 26.50
N GLN C 127 17.64 -0.34 26.61
CA GLN C 127 18.24 0.85 26.02
C GLN C 127 18.45 0.72 24.52
N ASN C 128 18.35 -0.49 23.97
CA ASN C 128 18.47 -0.73 22.55
C ASN C 128 17.11 -0.85 21.86
N PHE C 129 16.01 -0.85 22.59
CA PHE C 129 14.68 -0.96 22.00
C PHE C 129 13.90 0.34 22.15
N ALA C 130 13.07 0.64 21.15
CA ALA C 130 12.30 1.87 21.15
C ALA C 130 10.86 1.61 20.69
N PHE C 131 9.95 2.43 21.22
CA PHE C 131 8.53 2.36 20.88
C PHE C 131 7.97 3.78 20.95
N ASN C 132 7.21 4.17 19.92
CA ASN C 132 6.63 5.51 19.87
C ASN C 132 7.69 6.60 20.01
N GLY C 133 8.88 6.33 19.47
CA GLY C 133 9.94 7.33 19.47
C GLY C 133 10.73 7.43 20.75
N SER C 134 10.47 6.59 21.74
CA SER C 134 11.12 6.67 23.03
C SER C 134 11.71 5.31 23.39
N LEU C 135 12.91 5.32 23.96
CA LEU C 135 13.53 4.08 24.39
C LEU C 135 12.83 3.52 25.62
N PHE C 136 12.87 2.19 25.76
CA PHE C 136 12.20 1.56 26.90
C PHE C 136 12.94 1.83 28.20
N GLY C 137 14.26 1.84 28.17
CA GLY C 137 15.03 2.03 29.38
C GLY C 137 16.41 2.57 29.08
N PRO D 19 -30.84 -6.12 -22.11
CA PRO D 19 -30.18 -5.92 -20.81
C PRO D 19 -30.95 -4.98 -19.89
N GLY D 20 -31.06 -3.72 -20.27
CA GLY D 20 -31.85 -2.78 -19.50
C GLY D 20 -31.13 -2.11 -18.35
N SER D 21 -30.28 -2.86 -17.66
CA SER D 21 -29.65 -2.38 -16.43
C SER D 21 -28.30 -3.07 -16.29
N MET D 22 -27.23 -2.32 -16.49
CA MET D 22 -25.87 -2.85 -16.40
C MET D 22 -25.15 -2.21 -15.23
N PRO D 23 -25.05 -2.87 -14.08
CA PRO D 23 -24.54 -2.22 -12.88
C PRO D 23 -23.05 -1.93 -12.95
N CYS D 24 -22.64 -0.89 -12.21
CA CYS D 24 -21.25 -0.47 -12.13
C CYS D 24 -20.90 -0.25 -10.67
N CYS D 25 -19.66 -0.56 -10.31
CA CYS D 25 -19.18 -0.35 -8.94
C CYS D 25 -17.73 0.08 -8.96
N GLN D 26 -17.49 1.34 -8.60
CA GLN D 26 -16.16 1.92 -8.55
C GLN D 26 -15.75 2.11 -7.10
N VAL D 27 -14.59 1.58 -6.73
CA VAL D 27 -14.07 1.72 -5.37
C VAL D 27 -12.87 2.66 -5.42
N SER D 28 -12.95 3.77 -4.69
CA SER D 28 -11.85 4.71 -4.56
C SER D 28 -11.26 4.61 -3.16
N THR D 29 -9.93 4.65 -3.06
CA THR D 29 -9.30 4.43 -1.77
C THR D 29 -7.91 5.03 -1.75
N ASN D 30 -7.52 5.52 -0.57
CA ASN D 30 -6.16 5.99 -0.34
C ASN D 30 -5.22 4.87 0.07
N ILE D 31 -5.70 3.63 0.12
CA ILE D 31 -4.85 2.47 0.36
C ILE D 31 -4.19 2.03 -0.93
N ASN D 32 -2.87 1.87 -0.90
CA ASN D 32 -2.10 1.48 -2.07
C ASN D 32 -2.28 -0.01 -2.26
N VAL D 33 -3.34 -0.39 -2.97
CA VAL D 33 -3.72 -1.79 -3.07
C VAL D 33 -2.85 -2.47 -4.11
N SER D 34 -2.34 -3.65 -3.78
CA SER D 34 -1.57 -4.43 -4.74
C SER D 34 -2.47 -4.89 -5.88
N ASP D 35 -1.85 -5.17 -7.03
CA ASP D 35 -2.63 -5.63 -8.18
C ASP D 35 -3.44 -6.87 -7.83
N ASP D 36 -2.82 -7.81 -7.11
CA ASP D 36 -3.52 -9.04 -6.74
C ASP D 36 -4.67 -8.75 -5.78
N ASP D 37 -4.42 -7.96 -4.73
CA ASP D 37 -5.49 -7.65 -3.78
C ASP D 37 -6.63 -6.90 -4.44
N ALA D 38 -6.32 -6.03 -5.39
CA ALA D 38 -7.35 -5.30 -6.10
C ALA D 38 -8.28 -6.25 -6.86
N LYS D 39 -7.70 -7.24 -7.55
CA LYS D 39 -8.53 -8.19 -8.27
C LYS D 39 -9.36 -9.03 -7.30
N LYS D 40 -8.76 -9.39 -6.16
CA LYS D 40 -9.49 -10.16 -5.16
C LYS D 40 -10.73 -9.41 -4.70
N ALA D 41 -10.58 -8.14 -4.33
CA ALA D 41 -11.74 -7.36 -3.89
C ALA D 41 -12.76 -7.23 -5.01
N LEU D 42 -12.31 -6.94 -6.24
CA LEU D 42 -13.24 -6.67 -7.31
C LEU D 42 -14.03 -7.91 -7.71
N MET D 43 -13.42 -9.09 -7.66
CA MET D 43 -14.15 -10.30 -8.01
C MET D 43 -15.17 -10.66 -6.95
N GLN D 44 -14.84 -10.44 -5.67
CA GLN D 44 -15.82 -10.70 -4.63
C GLN D 44 -16.98 -9.72 -4.74
N ILE D 45 -16.67 -8.45 -5.05
CA ILE D 45 -17.72 -7.45 -5.23
C ILE D 45 -18.56 -7.77 -6.46
N GLU D 46 -17.93 -8.25 -7.54
CA GLU D 46 -18.68 -8.62 -8.72
C GLU D 46 -19.64 -9.78 -8.42
N ASN D 47 -19.18 -10.76 -7.65
CA ASN D 47 -20.04 -11.86 -7.23
C ASN D 47 -21.17 -11.35 -6.34
N ALA D 48 -20.89 -10.39 -5.46
CA ALA D 48 -21.95 -9.82 -4.63
C ALA D 48 -23.00 -9.10 -5.46
N ILE D 49 -22.58 -8.31 -6.45
CA ILE D 49 -23.54 -7.57 -7.27
C ILE D 49 -24.37 -8.54 -8.11
N SER D 50 -23.74 -9.56 -8.68
CA SER D 50 -24.49 -10.54 -9.47
C SER D 50 -25.52 -11.25 -8.60
N GLN D 51 -25.16 -11.54 -7.35
CA GLN D 51 -26.07 -12.20 -6.43
C GLN D 51 -27.24 -11.31 -6.07
N VAL D 52 -26.97 -10.08 -5.63
CA VAL D 52 -28.03 -9.24 -5.09
C VAL D 52 -28.96 -8.77 -6.20
N MET D 53 -28.38 -8.32 -7.31
CA MET D 53 -29.14 -7.76 -8.43
C MET D 53 -29.49 -8.81 -9.48
N ASN D 54 -28.99 -10.03 -9.33
CA ASN D 54 -29.33 -11.13 -10.23
C ASN D 54 -29.03 -10.77 -11.69
N LYS D 55 -27.78 -10.36 -11.94
CA LYS D 55 -27.37 -10.02 -13.29
C LYS D 55 -26.18 -10.89 -13.71
N PRO D 56 -26.11 -11.35 -14.97
CA PRO D 56 -24.93 -12.11 -15.40
C PRO D 56 -23.67 -11.26 -15.35
N MET D 57 -22.52 -11.93 -15.20
CA MET D 57 -21.26 -11.21 -15.10
C MET D 57 -20.98 -10.36 -16.32
N GLY D 58 -21.52 -10.74 -17.48
CA GLY D 58 -21.26 -10.01 -18.70
C GLY D 58 -21.81 -8.60 -18.71
N TYR D 59 -22.63 -8.24 -17.72
CA TYR D 59 -23.21 -6.91 -17.66
C TYR D 59 -22.61 -6.06 -16.54
N ILE D 60 -21.63 -6.56 -15.78
CA ILE D 60 -21.16 -5.92 -14.56
C ILE D 60 -19.80 -5.27 -14.81
N MET D 61 -19.67 -4.01 -14.39
CA MET D 61 -18.42 -3.28 -14.44
C MET D 61 -17.95 -3.00 -13.01
N SER D 62 -16.64 -3.07 -12.80
CA SER D 62 -16.07 -2.77 -11.49
C SER D 62 -14.73 -2.06 -11.69
N ASN D 63 -14.32 -1.33 -10.66
CA ASN D 63 -13.07 -0.59 -10.71
C ASN D 63 -12.55 -0.39 -9.30
N LEU D 64 -11.23 -0.31 -9.17
CA LEU D 64 -10.56 0.12 -7.95
C LEU D 64 -9.62 1.24 -8.35
N ASP D 65 -9.71 2.36 -7.66
CA ASP D 65 -9.04 3.60 -8.04
C ASP D 65 -8.26 4.10 -6.84
N TYR D 66 -6.93 4.14 -6.96
CA TYR D 66 -6.07 4.55 -5.85
C TYR D 66 -5.91 6.08 -5.89
N GLN D 67 -6.31 6.73 -4.80
CA GLN D 67 -6.25 8.18 -4.65
C GLN D 67 -5.35 8.49 -3.47
N LYS D 68 -4.08 8.76 -3.75
CA LYS D 68 -3.13 8.90 -2.66
C LYS D 68 -3.55 9.98 -1.67
N HIS D 69 -4.16 11.06 -2.17
CA HIS D 69 -4.43 12.23 -1.34
C HIS D 69 -5.75 12.15 -0.59
N MET D 70 -6.58 11.14 -0.85
CA MET D 70 -7.89 11.07 -0.20
C MET D 70 -7.73 10.96 1.32
N ARG D 71 -8.62 11.62 2.05
CA ARG D 71 -8.58 11.60 3.50
C ARG D 71 -10.00 11.73 4.03
N PHE D 72 -10.23 11.12 5.19
CA PHE D 72 -11.53 11.09 5.83
C PHE D 72 -11.37 11.43 7.30
N GLY D 73 -12.32 12.17 7.84
CA GLY D 73 -12.27 12.52 9.25
C GLY D 73 -11.03 13.31 9.64
N GLY D 74 -10.49 14.09 8.71
CA GLY D 74 -9.26 14.81 8.98
C GLY D 74 -8.08 13.91 9.16
N SER D 75 -8.13 12.71 8.57
CA SER D 75 -7.09 11.71 8.76
C SER D 75 -6.76 11.05 7.44
N HIS D 76 -5.53 10.57 7.34
CA HIS D 76 -5.02 9.85 6.17
C HIS D 76 -5.15 8.34 6.29
N ASP D 77 -5.72 7.84 7.38
CA ASP D 77 -5.86 6.40 7.56
C ASP D 77 -6.69 5.79 6.43
N GLY D 78 -6.63 4.47 6.32
CA GLY D 78 -7.31 3.75 5.26
C GLY D 78 -8.76 4.15 5.15
N PHE D 79 -9.22 4.45 3.93
CA PHE D 79 -10.58 4.90 3.71
C PHE D 79 -10.99 4.53 2.29
N CYS D 80 -12.26 4.17 2.13
CA CYS D 80 -12.82 3.83 0.83
C CYS D 80 -14.11 4.58 0.59
N PHE D 81 -14.25 5.12 -0.62
CA PHE D 81 -15.50 5.69 -1.10
C PHE D 81 -15.97 4.88 -2.29
N VAL D 82 -17.13 4.24 -2.16
CA VAL D 82 -17.65 3.32 -3.17
C VAL D 82 -18.87 3.94 -3.84
N ARG D 83 -18.94 3.83 -5.16
CA ARG D 83 -20.11 4.25 -5.92
C ARG D 83 -20.71 3.04 -6.62
N VAL D 84 -22.00 2.80 -6.39
CA VAL D 84 -22.75 1.77 -7.12
C VAL D 84 -23.84 2.50 -7.89
N THR D 85 -23.84 2.35 -9.21
CA THR D 85 -24.79 3.01 -10.09
C THR D 85 -25.42 1.95 -10.98
N SER D 86 -26.74 1.98 -11.08
CA SER D 86 -27.45 1.01 -11.91
C SER D 86 -28.80 1.61 -12.28
N ILE D 87 -29.33 1.18 -13.42
CA ILE D 87 -30.63 1.66 -13.87
C ILE D 87 -31.72 1.12 -12.96
N SER D 88 -31.70 -0.17 -12.69
CA SER D 88 -32.61 -0.81 -11.74
C SER D 88 -31.79 -1.40 -10.59
N GLY D 89 -32.50 -1.95 -9.60
CA GLY D 89 -31.82 -2.55 -8.47
C GLY D 89 -31.28 -1.59 -7.44
N ILE D 90 -31.84 -0.39 -7.35
CA ILE D 90 -31.38 0.64 -6.42
C ILE D 90 -32.47 0.87 -5.38
N SER D 91 -33.01 -0.22 -4.84
CA SER D 91 -34.05 -0.17 -3.82
C SER D 91 -33.42 -0.43 -2.46
N ARG D 92 -34.22 -0.25 -1.40
CA ARG D 92 -33.65 -0.33 -0.06
C ARG D 92 -33.12 -1.74 0.22
N SER D 93 -33.83 -2.78 -0.25
CA SER D 93 -33.41 -4.15 0.03
C SER D 93 -32.06 -4.44 -0.61
N ASN D 94 -31.89 -4.04 -1.87
CA ASN D 94 -30.61 -4.29 -2.52
C ASN D 94 -29.51 -3.42 -1.92
N ASN D 95 -29.82 -2.15 -1.62
CA ASN D 95 -28.79 -1.27 -1.08
C ASN D 95 -28.34 -1.72 0.30
N THR D 96 -29.28 -2.21 1.12
CA THR D 96 -28.92 -2.71 2.44
C THR D 96 -27.97 -3.89 2.34
N ALA D 97 -28.36 -4.91 1.57
CA ALA D 97 -27.54 -6.10 1.44
C ALA D 97 -26.20 -5.80 0.79
N LEU D 98 -26.20 -5.00 -0.29
CA LEU D 98 -24.96 -4.71 -0.99
C LEU D 98 -24.05 -3.81 -0.17
N ALA D 99 -24.62 -2.89 0.62
CA ALA D 99 -23.79 -2.07 1.49
C ALA D 99 -23.09 -2.93 2.54
N ASP D 100 -23.81 -3.91 3.10
CA ASP D 100 -23.21 -4.80 4.08
C ASP D 100 -22.12 -5.65 3.44
N LYS D 101 -22.42 -6.24 2.29
CA LYS D 101 -21.48 -7.18 1.69
C LYS D 101 -20.20 -6.48 1.28
N ILE D 102 -20.33 -5.33 0.60
CA ILE D 102 -19.17 -4.64 0.06
C ILE D 102 -18.24 -4.19 1.19
N THR D 103 -18.80 -3.67 2.27
CA THR D 103 -17.97 -3.25 3.40
C THR D 103 -17.17 -4.42 3.96
N LYS D 104 -17.81 -5.57 4.15
CA LYS D 104 -17.05 -6.72 4.65
C LYS D 104 -15.98 -7.15 3.65
N ILE D 105 -16.30 -7.12 2.35
CA ILE D 105 -15.33 -7.54 1.35
C ILE D 105 -14.09 -6.66 1.42
N LEU D 106 -14.29 -5.35 1.44
CA LEU D 106 -13.17 -4.42 1.50
C LEU D 106 -12.42 -4.56 2.82
N ALA D 107 -13.15 -4.77 3.92
CA ALA D 107 -12.51 -4.94 5.22
C ALA D 107 -11.58 -6.14 5.24
N SER D 108 -11.95 -7.22 4.53
CA SER D 108 -11.13 -8.43 4.54
C SER D 108 -10.00 -8.37 3.52
N THR D 109 -10.24 -7.77 2.35
CA THR D 109 -9.27 -7.90 1.27
C THR D 109 -8.18 -6.84 1.32
N ILE D 110 -8.55 -5.60 1.59
CA ILE D 110 -7.60 -4.48 1.65
C ILE D 110 -7.44 -3.93 3.05
N LYS D 111 -8.08 -4.54 4.04
CA LYS D 111 -7.83 -4.26 5.45
C LYS D 111 -8.18 -2.82 5.82
N VAL D 112 -9.18 -2.26 5.17
CA VAL D 112 -9.77 -0.99 5.58
C VAL D 112 -10.76 -1.21 6.71
N LYS D 113 -10.83 -0.23 7.61
CA LYS D 113 -11.80 -0.29 8.70
C LYS D 113 -13.22 -0.08 8.17
N SER D 114 -14.19 -0.76 8.81
CA SER D 114 -15.57 -0.66 8.34
C SER D 114 -16.10 0.77 8.49
N ASP D 115 -15.81 1.42 9.61
CA ASP D 115 -16.24 2.81 9.83
C ASP D 115 -15.43 3.81 9.02
N ARG D 116 -14.60 3.34 8.11
CA ARG D 116 -13.88 4.18 7.16
C ARG D 116 -14.30 3.85 5.73
N VAL D 117 -15.55 3.45 5.54
CA VAL D 117 -16.05 3.05 4.23
C VAL D 117 -17.36 3.77 3.97
N PHE D 118 -17.38 4.61 2.94
CA PHE D 118 -18.61 5.20 2.44
C PHE D 118 -19.08 4.39 1.24
N ILE D 119 -20.40 4.29 1.08
CA ILE D 119 -20.98 3.67 -0.10
C ILE D 119 -22.12 4.55 -0.56
N GLU D 120 -22.18 4.84 -1.85
CA GLU D 120 -23.21 5.71 -2.40
C GLU D 120 -23.90 4.99 -3.55
N PHE D 121 -25.22 5.05 -3.58
CA PHE D 121 -26.02 4.34 -4.59
C PHE D 121 -26.70 5.39 -5.46
N LYS D 122 -26.62 5.21 -6.78
CA LYS D 122 -27.16 6.18 -7.72
C LYS D 122 -28.08 5.45 -8.69
N ASP D 123 -29.30 5.94 -8.82
CA ASP D 123 -30.30 5.35 -9.71
C ASP D 123 -30.34 6.15 -10.99
N CYS D 124 -30.08 5.49 -12.12
CA CYS D 124 -30.05 6.11 -13.42
C CYS D 124 -31.30 5.74 -14.20
N SER D 125 -31.80 6.67 -15.00
CA SER D 125 -32.96 6.39 -15.83
C SER D 125 -32.50 5.68 -17.11
N ALA D 126 -33.41 4.89 -17.68
CA ALA D 126 -33.09 4.19 -18.93
C ALA D 126 -32.84 5.16 -20.07
N GLN D 127 -33.29 6.40 -19.93
CA GLN D 127 -33.00 7.44 -20.90
C GLN D 127 -31.60 8.02 -20.79
N ASN D 128 -30.93 7.84 -19.66
CA ASN D 128 -29.61 8.42 -19.45
C ASN D 128 -28.46 7.44 -19.67
N PHE D 129 -28.71 6.14 -19.79
CA PHE D 129 -27.63 5.18 -19.96
C PHE D 129 -27.67 4.60 -21.36
N ALA D 130 -26.48 4.31 -21.91
CA ALA D 130 -26.33 3.81 -23.26
C ALA D 130 -25.29 2.70 -23.30
N PHE D 131 -25.42 1.83 -24.30
CA PHE D 131 -24.49 0.73 -24.51
C PHE D 131 -24.30 0.55 -26.01
N ASN D 132 -23.05 0.48 -26.45
CA ASN D 132 -22.73 0.33 -27.86
C ASN D 132 -23.39 1.42 -28.71
N GLY D 133 -23.46 2.62 -28.15
CA GLY D 133 -23.97 3.76 -28.89
C GLY D 133 -25.47 3.92 -28.89
N SER D 134 -26.21 3.10 -28.17
CA SER D 134 -27.67 3.15 -28.20
C SER D 134 -28.21 3.27 -26.78
N LEU D 135 -29.19 4.15 -26.59
CA LEU D 135 -29.85 4.27 -25.30
C LEU D 135 -30.77 3.08 -25.07
N PHE D 136 -30.99 2.76 -23.80
CA PHE D 136 -31.82 1.64 -23.41
C PHE D 136 -33.30 1.94 -23.66
N GLY E 20 -25.79 11.29 10.83
CA GLY E 20 -26.65 12.08 9.92
C GLY E 20 -26.13 12.13 8.50
N SER E 21 -25.51 13.25 8.13
CA SER E 21 -24.96 13.44 6.80
C SER E 21 -23.44 13.53 6.89
N MET E 22 -22.75 12.95 5.91
CA MET E 22 -21.29 13.00 5.86
C MET E 22 -20.85 13.64 4.55
N PRO E 23 -20.50 14.93 4.56
CA PRO E 23 -20.21 15.62 3.31
C PRO E 23 -18.89 15.16 2.70
N CYS E 24 -18.81 15.24 1.37
CA CYS E 24 -17.63 14.87 0.62
C CYS E 24 -17.31 15.96 -0.38
N CYS E 25 -16.01 16.15 -0.65
CA CYS E 25 -15.57 17.13 -1.63
C CYS E 25 -14.34 16.58 -2.35
N GLN E 26 -14.46 16.42 -3.67
CA GLN E 26 -13.36 15.94 -4.49
C GLN E 26 -12.98 17.04 -5.49
N VAL E 27 -11.69 17.31 -5.61
CA VAL E 27 -11.16 18.29 -6.54
C VAL E 27 -10.37 17.53 -7.60
N SER E 28 -10.76 17.67 -8.86
CA SER E 28 -10.03 17.12 -9.99
C SER E 28 -9.33 18.25 -10.73
N THR E 29 -8.08 18.05 -11.12
CA THR E 29 -7.33 19.14 -11.72
C THR E 29 -6.23 18.58 -12.59
N ASN E 30 -5.92 19.28 -13.68
CA ASN E 30 -4.78 18.96 -14.53
C ASN E 30 -3.49 19.60 -14.04
N ILE E 31 -3.54 20.34 -12.93
CA ILE E 31 -2.35 20.91 -12.32
C ILE E 31 -1.70 19.82 -11.45
N ASN E 32 -0.42 19.56 -11.69
CA ASN E 32 0.28 18.51 -10.97
C ASN E 32 0.69 19.05 -9.61
N VAL E 33 -0.19 18.92 -8.64
CA VAL E 33 0.00 19.51 -7.33
C VAL E 33 0.93 18.64 -6.50
N SER E 34 1.86 19.28 -5.80
CA SER E 34 2.72 18.59 -4.86
C SER E 34 1.88 18.06 -3.70
N ASP E 35 2.39 17.02 -3.04
CA ASP E 35 1.65 16.39 -1.95
C ASP E 35 1.26 17.40 -0.88
N ASP E 36 2.17 18.30 -0.49
CA ASP E 36 1.79 19.27 0.54
C ASP E 36 0.66 20.18 0.06
N ASP E 37 0.79 20.79 -1.14
CA ASP E 37 -0.22 21.73 -1.61
C ASP E 37 -1.59 21.06 -1.73
N ALA E 38 -1.63 19.77 -2.07
CA ALA E 38 -2.89 19.05 -2.04
C ALA E 38 -3.45 19.00 -0.63
N LYS E 39 -2.62 18.64 0.35
CA LYS E 39 -3.06 18.59 1.74
C LYS E 39 -3.38 19.98 2.28
N LYS E 40 -2.62 20.99 1.85
CA LYS E 40 -2.92 22.35 2.25
C LYS E 40 -4.31 22.76 1.77
N ALA E 41 -4.57 22.57 0.46
CA ALA E 41 -5.86 22.93 -0.09
C ALA E 41 -6.98 22.11 0.53
N LEU E 42 -6.77 20.80 0.69
CA LEU E 42 -7.84 19.95 1.20
C LEU E 42 -8.18 20.28 2.64
N MET E 43 -7.18 20.66 3.45
CA MET E 43 -7.46 20.99 4.84
C MET E 43 -8.21 22.31 4.96
N GLN E 44 -7.87 23.28 4.11
CA GLN E 44 -8.63 24.53 4.11
C GLN E 44 -10.05 24.31 3.63
N ILE E 45 -10.24 23.46 2.63
CA ILE E 45 -11.59 23.14 2.17
C ILE E 45 -12.35 22.40 3.27
N GLU E 46 -11.65 21.53 4.01
CA GLU E 46 -12.29 20.84 5.11
C GLU E 46 -12.75 21.83 6.18
N ASN E 47 -11.92 22.84 6.48
CA ASN E 47 -12.34 23.85 7.46
C ASN E 47 -13.54 24.63 6.94
N ALA E 48 -13.54 24.97 5.64
CA ALA E 48 -14.66 25.71 5.08
C ALA E 48 -15.96 24.91 5.13
N ILE E 49 -15.90 23.61 4.80
CA ILE E 49 -17.10 22.79 4.84
C ILE E 49 -17.62 22.67 6.26
N SER E 50 -16.71 22.50 7.22
CA SER E 50 -17.11 22.49 8.62
C SER E 50 -17.79 23.81 9.00
N GLN E 51 -17.34 24.90 8.38
CA GLN E 51 -17.90 26.20 8.70
C GLN E 51 -19.35 26.30 8.22
N VAL E 52 -19.61 25.94 6.95
CA VAL E 52 -20.93 26.14 6.35
C VAL E 52 -21.93 25.10 6.85
N MET E 53 -21.54 23.82 6.87
CA MET E 53 -22.47 22.73 7.15
C MET E 53 -22.53 22.37 8.63
N ASN E 54 -21.78 23.05 9.49
CA ASN E 54 -21.84 22.77 10.92
C ASN E 54 -21.57 21.29 11.16
N LYS E 55 -20.45 20.81 10.62
CA LYS E 55 -20.13 19.41 10.76
C LYS E 55 -18.75 19.26 11.43
N PRO E 56 -18.62 18.36 12.41
CA PRO E 56 -17.28 18.11 12.98
C PRO E 56 -16.38 17.46 11.93
N MET E 57 -15.06 17.63 12.12
CA MET E 57 -14.11 17.11 11.15
C MET E 57 -14.25 15.61 10.97
N GLY E 58 -14.72 14.90 12.00
CA GLY E 58 -14.82 13.44 11.91
C GLY E 58 -15.80 12.96 10.87
N TYR E 59 -16.59 13.85 10.30
CA TYR E 59 -17.60 13.46 9.32
C TYR E 59 -17.27 13.86 7.89
N ILE E 60 -16.14 14.51 7.64
CA ILE E 60 -15.87 15.15 6.37
C ILE E 60 -14.82 14.35 5.60
N MET E 61 -15.10 14.11 4.31
CA MET E 61 -14.18 13.47 3.38
C MET E 61 -13.75 14.47 2.30
N SER E 62 -12.48 14.40 1.92
CA SER E 62 -11.96 15.26 0.88
C SER E 62 -10.89 14.50 0.09
N ASN E 63 -10.69 14.93 -1.15
CA ASN E 63 -9.72 14.29 -2.04
C ASN E 63 -9.27 15.28 -3.11
N LEU E 64 -8.06 15.06 -3.61
CA LEU E 64 -7.56 15.75 -4.80
C LEU E 64 -7.06 14.72 -5.80
N ASP E 65 -7.50 14.84 -7.05
CA ASP E 65 -7.26 13.83 -8.07
C ASP E 65 -6.61 14.53 -9.28
N TYR E 66 -5.39 14.13 -9.61
CA TYR E 66 -4.65 14.74 -10.70
C TYR E 66 -4.97 14.01 -12.01
N GLN E 67 -5.49 14.76 -12.97
CA GLN E 67 -5.84 14.23 -14.30
C GLN E 67 -5.03 15.00 -15.33
N LYS E 68 -3.89 14.42 -15.72
CA LYS E 68 -2.96 15.10 -16.62
C LYS E 68 -3.64 15.49 -17.92
N HIS E 69 -4.55 14.66 -18.40
CA HIS E 69 -5.18 14.87 -19.70
C HIS E 69 -6.40 15.79 -19.64
N MET E 70 -6.86 16.16 -18.44
CA MET E 70 -8.04 17.00 -18.31
C MET E 70 -7.76 18.36 -18.95
N ARG E 71 -8.78 18.91 -19.60
CA ARG E 71 -8.67 20.18 -20.31
C ARG E 71 -10.03 20.86 -20.32
N PHE E 72 -10.00 22.19 -20.34
CA PHE E 72 -11.21 23.00 -20.31
C PHE E 72 -11.14 24.10 -21.37
N GLY E 73 -12.28 24.37 -21.99
CA GLY E 73 -12.35 25.43 -22.97
C GLY E 73 -11.43 25.24 -24.15
N GLY E 74 -11.14 23.99 -24.50
CA GLY E 74 -10.20 23.71 -25.56
C GLY E 74 -8.76 24.06 -25.24
N SER E 75 -8.41 24.11 -23.96
CA SER E 75 -7.07 24.47 -23.53
C SER E 75 -6.66 23.54 -22.39
N HIS E 76 -5.37 23.29 -22.28
CA HIS E 76 -4.83 22.45 -21.21
C HIS E 76 -4.40 23.26 -19.98
N ASP E 77 -4.55 24.59 -20.02
CA ASP E 77 -4.13 25.40 -18.89
C ASP E 77 -4.87 24.97 -17.62
N GLY E 78 -4.36 25.43 -16.49
CA GLY E 78 -4.87 24.99 -15.20
C GLY E 78 -6.38 25.09 -15.07
N PHE E 79 -7.00 24.01 -14.60
CA PHE E 79 -8.44 23.95 -14.46
C PHE E 79 -8.79 22.94 -13.37
N CYS E 80 -9.83 23.25 -12.58
CA CYS E 80 -10.31 22.39 -11.52
C CYS E 80 -11.81 22.17 -11.64
N PHE E 81 -12.24 20.93 -11.44
CA PHE E 81 -13.65 20.53 -11.35
C PHE E 81 -13.87 20.00 -9.94
N VAL E 82 -14.74 20.65 -9.18
CA VAL E 82 -15.00 20.31 -7.79
C VAL E 82 -16.41 19.73 -7.69
N ARG E 83 -16.56 18.63 -6.96
CA ARG E 83 -17.85 18.06 -6.64
C ARG E 83 -18.04 18.02 -5.12
N VAL E 84 -19.17 18.53 -4.64
CA VAL E 84 -19.55 18.46 -3.24
C VAL E 84 -20.81 17.60 -3.14
N THR E 85 -20.74 16.55 -2.33
CA THR E 85 -21.86 15.60 -2.18
C THR E 85 -22.24 15.50 -0.71
N SER E 86 -23.52 15.64 -0.42
CA SER E 86 -23.97 15.54 0.96
C SER E 86 -25.46 15.27 1.01
N ILE E 87 -25.90 14.62 2.09
CA ILE E 87 -27.33 14.36 2.27
C ILE E 87 -28.06 15.65 2.61
N SER E 88 -27.54 16.42 3.55
CA SER E 88 -28.10 17.71 3.94
C SER E 88 -27.09 18.80 3.61
N GLY E 89 -27.49 20.05 3.82
CA GLY E 89 -26.62 21.16 3.55
C GLY E 89 -26.50 21.50 2.08
N ILE E 90 -27.50 21.16 1.26
CA ILE E 90 -27.46 21.40 -0.17
C ILE E 90 -28.56 22.42 -0.50
N SER E 91 -28.62 23.49 0.28
CA SER E 91 -29.59 24.56 0.08
C SER E 91 -28.89 25.75 -0.56
N ARG E 92 -29.69 26.75 -0.97
CA ARG E 92 -29.12 27.86 -1.71
C ARG E 92 -28.10 28.62 -0.88
N SER E 93 -28.37 28.79 0.42
CA SER E 93 -27.47 29.56 1.27
C SER E 93 -26.11 28.89 1.40
N ASN E 94 -26.09 27.58 1.65
CA ASN E 94 -24.82 26.89 1.79
C ASN E 94 -24.10 26.79 0.45
N ASN E 95 -24.85 26.56 -0.64
CA ASN E 95 -24.23 26.37 -1.94
C ASN E 95 -23.48 27.61 -2.39
N THR E 96 -24.08 28.79 -2.17
CA THR E 96 -23.42 30.03 -2.56
C THR E 96 -22.14 30.26 -1.77
N ALA E 97 -22.20 30.11 -0.44
CA ALA E 97 -21.03 30.39 0.39
C ALA E 97 -19.89 29.43 0.06
N LEU E 98 -20.20 28.13 -0.03
CA LEU E 98 -19.14 27.16 -0.24
C LEU E 98 -18.55 27.26 -1.63
N ALA E 99 -19.36 27.59 -2.64
CA ALA E 99 -18.82 27.78 -3.98
C ALA E 99 -17.83 28.95 -3.99
N ASP E 100 -18.14 30.02 -3.27
CA ASP E 100 -17.27 31.18 -3.21
C ASP E 100 -15.97 30.84 -2.48
N LYS E 101 -16.07 30.21 -1.33
CA LYS E 101 -14.87 29.94 -0.54
C LYS E 101 -13.94 28.97 -1.27
N ILE E 102 -14.47 27.89 -1.83
CA ILE E 102 -13.59 26.89 -2.43
C ILE E 102 -12.77 27.53 -3.55
N THR E 103 -13.41 28.38 -4.36
CA THR E 103 -12.67 29.09 -5.40
C THR E 103 -11.55 29.93 -4.78
N LYS E 104 -11.81 30.58 -3.64
CA LYS E 104 -10.75 31.34 -2.98
C LYS E 104 -9.60 30.43 -2.55
N ILE E 105 -9.92 29.26 -1.99
CA ILE E 105 -8.86 28.35 -1.54
C ILE E 105 -8.05 27.84 -2.73
N LEU E 106 -8.72 27.36 -3.78
CA LEU E 106 -7.99 26.83 -4.94
C LEU E 106 -7.17 27.93 -5.60
N ALA E 107 -7.70 29.15 -5.65
CA ALA E 107 -6.97 30.28 -6.22
C ALA E 107 -5.72 30.60 -5.39
N SER E 108 -5.80 30.44 -4.06
CA SER E 108 -4.66 30.82 -3.22
C SER E 108 -3.63 29.71 -3.10
N THR E 109 -4.08 28.46 -3.03
CA THR E 109 -3.16 27.39 -2.67
C THR E 109 -2.41 26.81 -3.88
N ILE E 110 -3.12 26.61 -4.99
CA ILE E 110 -2.53 26.08 -6.22
C ILE E 110 -2.60 27.09 -7.34
N LYS E 111 -3.13 28.28 -7.08
CA LYS E 111 -3.03 29.42 -7.97
C LYS E 111 -3.66 29.17 -9.34
N VAL E 112 -4.75 28.42 -9.39
CA VAL E 112 -5.58 28.37 -10.58
C VAL E 112 -6.48 29.60 -10.56
N LYS E 113 -6.71 30.22 -11.72
CA LYS E 113 -7.60 31.36 -11.76
C LYS E 113 -9.05 30.93 -11.54
N SER E 114 -9.82 31.81 -10.90
CA SER E 114 -11.19 31.49 -10.49
C SER E 114 -12.06 31.15 -11.70
N ASP E 115 -11.88 31.86 -12.80
CA ASP E 115 -12.72 31.57 -13.97
C ASP E 115 -12.37 30.25 -14.64
N ARG E 116 -11.51 29.43 -14.02
CA ARG E 116 -11.28 28.06 -14.45
C ARG E 116 -11.62 27.06 -13.34
N VAL E 117 -12.63 27.37 -12.54
CA VAL E 117 -13.01 26.54 -11.41
C VAL E 117 -14.50 26.23 -11.50
N PHE E 118 -14.82 24.95 -11.64
CA PHE E 118 -16.19 24.45 -11.54
C PHE E 118 -16.46 23.90 -10.15
N ILE E 119 -17.71 24.06 -9.69
CA ILE E 119 -18.20 23.43 -8.47
C ILE E 119 -19.60 22.90 -8.76
N GLU E 120 -19.85 21.65 -8.38
CA GLU E 120 -21.12 20.98 -8.63
C GLU E 120 -21.60 20.34 -7.33
N PHE E 121 -22.89 20.50 -7.03
CA PHE E 121 -23.45 20.07 -5.75
C PHE E 121 -24.46 18.95 -5.96
N LYS E 122 -24.37 17.93 -5.10
CA LYS E 122 -25.20 16.74 -5.21
C LYS E 122 -25.88 16.45 -3.88
N ASP E 123 -27.20 16.25 -3.93
CA ASP E 123 -28.00 15.95 -2.75
C ASP E 123 -28.31 14.45 -2.71
N CYS E 124 -27.97 13.80 -1.60
CA CYS E 124 -28.16 12.36 -1.42
C CYS E 124 -29.35 12.12 -0.50
N SER E 125 -30.08 11.03 -0.75
CA SER E 125 -31.31 10.71 -0.03
C SER E 125 -31.11 10.04 1.32
N ALA E 126 -29.90 9.57 1.62
CA ALA E 126 -29.54 8.91 2.87
C ALA E 126 -29.99 7.47 2.97
N GLN E 127 -30.83 7.03 2.03
CA GLN E 127 -31.15 5.59 1.86
C GLN E 127 -30.22 5.19 0.70
N ASN E 128 -29.58 6.17 0.05
CA ASN E 128 -28.60 5.92 -1.00
C ASN E 128 -27.17 5.99 -0.48
N PHE E 129 -26.97 6.49 0.74
CA PHE E 129 -25.65 6.63 1.34
C PHE E 129 -25.53 5.62 2.47
N ALA E 130 -24.32 5.09 2.64
CA ALA E 130 -24.08 4.07 3.66
C ALA E 130 -22.77 4.37 4.37
N PHE E 131 -22.71 3.96 5.64
CA PHE E 131 -21.54 4.13 6.48
C PHE E 131 -21.47 2.95 7.44
N ASN E 132 -20.29 2.36 7.56
CA ASN E 132 -20.08 1.19 8.41
C ASN E 132 -21.03 0.06 8.04
N GLY E 133 -21.34 -0.07 6.76
CA GLY E 133 -22.16 -1.16 6.28
C GLY E 133 -23.66 -0.99 6.45
N SER E 134 -24.11 0.16 6.96
CA SER E 134 -25.51 0.38 7.25
C SER E 134 -25.99 1.68 6.63
N LEU E 135 -27.20 1.66 6.08
CA LEU E 135 -27.79 2.88 5.54
C LEU E 135 -28.19 3.83 6.67
N PHE E 136 -28.22 5.11 6.35
CA PHE E 136 -28.52 6.17 7.30
C PHE E 136 -30.01 6.17 7.66
N SER F 21 -25.82 24.04 -19.05
CA SER F 21 -25.29 25.26 -19.72
C SER F 21 -23.83 25.09 -20.12
N MET F 22 -23.05 24.49 -19.24
CA MET F 22 -21.62 24.26 -19.46
C MET F 22 -21.33 22.77 -19.43
N PRO F 23 -21.26 22.10 -20.57
CA PRO F 23 -21.14 20.64 -20.55
C PRO F 23 -19.77 20.14 -20.12
N CYS F 24 -19.76 18.94 -19.56
CA CYS F 24 -18.55 18.25 -19.14
C CYS F 24 -18.63 16.81 -19.64
N CYS F 25 -17.49 16.25 -20.02
CA CYS F 25 -17.44 14.86 -20.46
C CYS F 25 -16.13 14.22 -20.01
N GLN F 26 -16.24 13.10 -19.31
CA GLN F 26 -15.08 12.36 -18.82
C GLN F 26 -15.11 10.94 -19.38
N VAL F 27 -13.96 10.45 -19.82
CA VAL F 27 -13.84 9.09 -20.35
C VAL F 27 -12.89 8.32 -19.44
N SER F 28 -13.36 7.22 -18.87
CA SER F 28 -12.54 6.33 -18.07
C SER F 28 -12.27 5.06 -18.86
N THR F 29 -11.03 4.57 -18.82
CA THR F 29 -10.67 3.44 -19.66
C THR F 29 -9.47 2.72 -19.05
N ASN F 30 -9.45 1.40 -19.16
CA ASN F 30 -8.27 0.62 -18.78
C ASN F 30 -7.26 0.48 -19.89
N ILE F 31 -7.52 1.10 -21.04
CA ILE F 31 -6.55 1.12 -22.12
C ILE F 31 -5.53 2.22 -21.81
N ASN F 32 -4.26 1.87 -21.80
CA ASN F 32 -3.23 2.84 -21.43
C ASN F 32 -2.91 3.71 -22.65
N VAL F 33 -3.63 4.82 -22.76
CA VAL F 33 -3.57 5.68 -23.94
C VAL F 33 -2.35 6.59 -23.89
N SER F 34 -1.68 6.72 -25.03
CA SER F 34 -0.59 7.67 -25.19
C SER F 34 -1.14 9.09 -25.10
N ASP F 35 -0.27 10.02 -24.73
CA ASP F 35 -0.72 11.39 -24.48
C ASP F 35 -1.41 11.98 -25.70
N ASP F 36 -0.82 11.79 -26.88
CA ASP F 36 -1.40 12.33 -28.11
C ASP F 36 -2.72 11.67 -28.44
N ASP F 37 -2.78 10.33 -28.39
CA ASP F 37 -4.05 9.68 -28.71
C ASP F 37 -5.17 10.13 -27.79
N ALA F 38 -4.84 10.38 -26.52
CA ALA F 38 -5.82 10.92 -25.61
C ALA F 38 -6.29 12.30 -26.07
N LYS F 39 -5.35 13.15 -26.50
CA LYS F 39 -5.69 14.49 -26.97
C LYS F 39 -6.53 14.42 -28.23
N LYS F 40 -6.24 13.43 -29.09
CA LYS F 40 -7.07 13.24 -30.28
C LYS F 40 -8.51 12.94 -29.91
N ALA F 41 -8.71 11.95 -29.03
CA ALA F 41 -10.06 11.56 -28.66
C ALA F 41 -10.82 12.70 -27.99
N LEU F 42 -10.16 13.43 -27.10
CA LEU F 42 -10.87 14.48 -26.37
C LEU F 42 -11.28 15.61 -27.30
N MET F 43 -10.47 15.92 -28.32
CA MET F 43 -10.82 17.00 -29.22
C MET F 43 -11.97 16.60 -30.15
N GLN F 44 -11.98 15.36 -30.61
CA GLN F 44 -13.08 14.89 -31.45
C GLN F 44 -14.37 14.84 -30.64
N ILE F 45 -14.28 14.43 -29.38
CA ILE F 45 -15.45 14.42 -28.51
C ILE F 45 -15.91 15.84 -28.22
N GLU F 46 -14.96 16.76 -28.06
CA GLU F 46 -15.32 18.16 -27.82
C GLU F 46 -16.08 18.74 -29.00
N ASN F 47 -15.66 18.42 -30.23
CA ASN F 47 -16.37 18.91 -31.39
C ASN F 47 -17.78 18.35 -31.46
N ALA F 48 -17.95 17.06 -31.14
CA ALA F 48 -19.27 16.45 -31.19
C ALA F 48 -20.22 17.08 -30.19
N ILE F 49 -19.73 17.38 -28.98
CA ILE F 49 -20.59 17.96 -27.95
C ILE F 49 -21.07 19.34 -28.39
N SER F 50 -20.19 20.16 -28.96
CA SER F 50 -20.58 21.48 -29.42
C SER F 50 -21.62 21.40 -30.53
N GLN F 51 -21.51 20.41 -31.41
CA GLN F 51 -22.45 20.29 -32.51
C GLN F 51 -23.86 19.99 -32.01
N VAL F 52 -24.00 18.97 -31.17
CA VAL F 52 -25.33 18.49 -30.79
C VAL F 52 -26.02 19.49 -29.87
N MET F 53 -25.31 19.99 -28.88
CA MET F 53 -25.87 20.89 -27.88
C MET F 53 -25.73 22.35 -28.28
N ASN F 54 -25.07 22.64 -29.40
CA ASN F 54 -24.96 23.99 -29.95
C ASN F 54 -24.50 24.98 -28.88
N LYS F 55 -23.38 24.64 -28.22
CA LYS F 55 -22.76 25.45 -27.20
C LYS F 55 -21.32 25.72 -27.61
N PRO F 56 -20.79 26.92 -27.38
CA PRO F 56 -19.43 27.21 -27.88
C PRO F 56 -18.35 26.35 -27.25
N MET F 57 -17.25 26.19 -28.00
CA MET F 57 -16.15 25.34 -27.57
C MET F 57 -15.52 25.80 -26.26
N GLY F 58 -15.57 27.10 -25.97
CA GLY F 58 -14.92 27.62 -24.79
C GLY F 58 -15.53 27.19 -23.48
N TYR F 59 -16.69 26.54 -23.52
CA TYR F 59 -17.39 26.12 -22.32
C TYR F 59 -17.36 24.62 -22.11
N ILE F 60 -16.66 23.87 -22.96
CA ILE F 60 -16.70 22.41 -22.93
C ILE F 60 -15.44 21.91 -22.23
N MET F 61 -15.63 20.97 -21.30
CA MET F 61 -14.56 20.31 -20.58
C MET F 61 -14.50 18.85 -21.01
N SER F 62 -13.29 18.30 -21.08
CA SER F 62 -13.10 16.91 -21.44
C SER F 62 -11.95 16.35 -20.62
N ASN F 63 -11.96 15.03 -20.46
CA ASN F 63 -10.92 14.37 -19.67
C ASN F 63 -10.79 12.93 -20.11
N LEU F 64 -9.58 12.40 -19.93
CA LEU F 64 -9.32 10.97 -20.08
C LEU F 64 -8.65 10.48 -18.80
N ASP F 65 -9.18 9.41 -18.23
CA ASP F 65 -8.74 8.90 -16.94
C ASP F 65 -8.42 7.43 -17.11
N TYR F 66 -7.15 7.07 -16.93
CA TYR F 66 -6.70 5.69 -17.10
C TYR F 66 -6.89 4.94 -15.79
N GLN F 67 -7.66 3.86 -15.84
CA GLN F 67 -7.95 3.03 -14.67
C GLN F 67 -7.42 1.63 -14.97
N LYS F 68 -6.20 1.37 -14.51
CA LYS F 68 -5.53 0.10 -14.81
C LYS F 68 -6.33 -1.08 -14.29
N HIS F 69 -6.99 -0.93 -13.13
CA HIS F 69 -7.71 -2.03 -12.52
C HIS F 69 -9.12 -2.18 -13.03
N MET F 70 -9.60 -1.26 -13.87
CA MET F 70 -10.97 -1.33 -14.36
C MET F 70 -11.19 -2.61 -15.16
N ARG F 71 -12.38 -3.18 -15.03
CA ARG F 71 -12.71 -4.39 -15.76
C ARG F 71 -14.21 -4.42 -16.01
N PHE F 72 -14.60 -5.02 -17.12
CA PHE F 72 -16.00 -5.13 -17.50
C PHE F 72 -16.29 -6.54 -17.98
N GLY F 73 -17.47 -7.05 -17.62
CA GLY F 73 -17.82 -8.41 -17.99
C GLY F 73 -16.86 -9.42 -17.42
N GLY F 74 -16.25 -9.11 -16.29
CA GLY F 74 -15.27 -10.00 -15.69
C GLY F 74 -13.98 -10.15 -16.47
N SER F 75 -13.60 -9.15 -17.26
CA SER F 75 -12.42 -9.24 -18.11
C SER F 75 -11.67 -7.91 -18.10
N HIS F 76 -10.36 -7.98 -18.33
CA HIS F 76 -9.53 -6.78 -18.39
C HIS F 76 -9.38 -6.22 -19.80
N ASP F 77 -10.04 -6.80 -20.80
CA ASP F 77 -9.94 -6.31 -22.16
C ASP F 77 -10.40 -4.86 -22.24
N GLY F 78 -10.11 -4.22 -23.36
CA GLY F 78 -10.41 -2.82 -23.54
C GLY F 78 -11.84 -2.42 -23.21
N PHE F 79 -11.99 -1.35 -22.43
CA PHE F 79 -13.30 -0.91 -21.99
C PHE F 79 -13.28 0.58 -21.69
N CYS F 80 -14.37 1.27 -22.00
CA CYS F 80 -14.52 2.68 -21.71
C CYS F 80 -15.85 2.96 -21.04
N PHE F 81 -15.82 3.78 -20.00
CA PHE F 81 -17.01 4.29 -19.35
C PHE F 81 -17.02 5.81 -19.49
N VAL F 82 -18.03 6.34 -20.16
CA VAL F 82 -18.11 7.77 -20.46
C VAL F 82 -19.26 8.36 -19.65
N ARG F 83 -19.01 9.49 -19.00
CA ARG F 83 -20.06 10.25 -18.34
C ARG F 83 -20.12 11.65 -18.94
N VAL F 84 -21.30 12.06 -19.40
CA VAL F 84 -21.55 13.41 -19.91
C VAL F 84 -22.58 14.05 -18.98
N THR F 85 -22.23 15.20 -18.41
CA THR F 85 -23.11 15.88 -17.47
C THR F 85 -23.35 17.31 -17.94
N SER F 86 -24.62 17.71 -18.01
CA SER F 86 -24.99 19.05 -18.42
C SER F 86 -26.40 19.34 -17.92
N ILE F 87 -26.68 20.63 -17.72
CA ILE F 87 -28.00 21.06 -17.29
C ILE F 87 -29.01 20.89 -18.41
N SER F 88 -28.65 21.28 -19.61
CA SER F 88 -29.50 21.11 -20.79
C SER F 88 -28.88 20.07 -21.71
N GLY F 89 -29.61 19.71 -22.74
CA GLY F 89 -29.12 18.67 -23.62
C GLY F 89 -29.25 17.30 -23.00
N ILE F 90 -30.17 17.11 -22.06
CA ILE F 90 -30.34 15.85 -21.36
C ILE F 90 -31.68 15.23 -21.70
N SER F 91 -32.07 15.33 -22.96
CA SER F 91 -33.30 14.73 -23.48
C SER F 91 -32.92 13.54 -24.35
N ARG F 92 -33.93 12.78 -24.77
CA ARG F 92 -33.62 11.56 -25.52
C ARG F 92 -32.91 11.91 -26.83
N SER F 93 -33.36 12.97 -27.49
CA SER F 93 -32.82 13.32 -28.80
C SER F 93 -31.35 13.71 -28.71
N ASN F 94 -30.99 14.53 -27.73
CA ASN F 94 -29.60 14.93 -27.59
C ASN F 94 -28.73 13.75 -27.18
N ASN F 95 -29.23 12.93 -26.27
CA ASN F 95 -28.46 11.79 -25.76
C ASN F 95 -28.23 10.73 -26.83
N THR F 96 -29.22 10.48 -27.69
CA THR F 96 -29.03 9.48 -28.75
C THR F 96 -27.90 9.88 -29.69
N ALA F 97 -27.93 11.12 -30.18
CA ALA F 97 -26.90 11.56 -31.12
C ALA F 97 -25.52 11.53 -30.48
N LEU F 98 -25.41 12.03 -29.24
CA LEU F 98 -24.12 12.08 -28.58
C LEU F 98 -23.62 10.69 -28.19
N ALA F 99 -24.53 9.80 -27.78
CA ALA F 99 -24.11 8.44 -27.45
C ALA F 99 -23.58 7.71 -28.68
N ASP F 100 -24.24 7.87 -29.83
CA ASP F 100 -23.81 7.23 -31.05
C ASP F 100 -22.46 7.78 -31.52
N LYS F 101 -22.31 9.09 -31.54
CA LYS F 101 -21.09 9.69 -32.07
C LYS F 101 -19.88 9.34 -31.20
N ILE F 102 -20.02 9.45 -29.88
CA ILE F 102 -18.86 9.26 -28.99
C ILE F 102 -18.29 7.86 -29.18
N THR F 103 -19.16 6.86 -29.29
CA THR F 103 -18.67 5.49 -29.41
C THR F 103 -17.80 5.34 -30.65
N LYS F 104 -18.21 5.98 -31.74
CA LYS F 104 -17.42 5.92 -32.97
C LYS F 104 -16.05 6.53 -32.75
N ILE F 105 -16.00 7.63 -32.01
CA ILE F 105 -14.74 8.34 -31.81
C ILE F 105 -13.75 7.43 -31.10
N LEU F 106 -14.17 6.82 -30.00
CA LEU F 106 -13.28 5.95 -29.24
C LEU F 106 -12.92 4.70 -30.02
N ALA F 107 -13.85 4.18 -30.81
CA ALA F 107 -13.56 2.98 -31.59
C ALA F 107 -12.42 3.21 -32.58
N SER F 108 -12.36 4.40 -33.18
CA SER F 108 -11.31 4.70 -34.14
C SER F 108 -10.03 5.20 -33.49
N THR F 109 -10.15 5.96 -32.40
CA THR F 109 -8.99 6.66 -31.84
C THR F 109 -8.17 5.78 -30.91
N ILE F 110 -8.83 5.02 -30.02
CA ILE F 110 -8.14 4.13 -29.11
C ILE F 110 -8.48 2.67 -29.36
N LYS F 111 -9.27 2.37 -30.41
CA LYS F 111 -9.50 1.01 -30.90
C LYS F 111 -10.12 0.10 -29.84
N VAL F 112 -10.97 0.65 -28.98
CA VAL F 112 -11.79 -0.15 -28.09
C VAL F 112 -12.99 -0.67 -28.86
N LYS F 113 -13.45 -1.88 -28.51
CA LYS F 113 -14.63 -2.42 -29.16
C LYS F 113 -15.87 -1.59 -28.79
N SER F 114 -16.78 -1.47 -29.74
CA SER F 114 -17.98 -0.66 -29.54
C SER F 114 -18.85 -1.23 -28.41
N ASP F 115 -18.99 -2.56 -28.36
CA ASP F 115 -19.77 -3.23 -27.33
C ASP F 115 -19.08 -3.24 -25.98
N ARG F 116 -17.97 -2.52 -25.84
CA ARG F 116 -17.31 -2.30 -24.56
C ARG F 116 -17.25 -0.82 -24.22
N VAL F 117 -18.30 -0.07 -24.57
CA VAL F 117 -18.37 1.36 -24.31
C VAL F 117 -19.69 1.66 -23.63
N PHE F 118 -19.61 2.16 -22.39
CA PHE F 118 -20.75 2.70 -21.66
C PHE F 118 -20.80 4.22 -21.84
N ILE F 119 -22.00 4.79 -21.83
CA ILE F 119 -22.17 6.24 -21.80
C ILE F 119 -23.30 6.57 -20.83
N GLU F 120 -23.08 7.59 -20.00
CA GLU F 120 -24.01 7.99 -18.95
C GLU F 120 -24.28 9.48 -19.03
N PHE F 121 -25.55 9.86 -18.89
CA PHE F 121 -26.01 11.24 -19.02
C PHE F 121 -26.61 11.74 -17.72
N LYS F 122 -26.25 12.97 -17.34
CA LYS F 122 -26.67 13.54 -16.06
C LYS F 122 -27.25 14.94 -16.26
N ASP F 123 -28.43 15.17 -15.69
CA ASP F 123 -29.11 16.46 -15.74
C ASP F 123 -28.97 17.14 -14.38
N CYS F 124 -28.45 18.37 -14.39
CA CYS F 124 -28.18 19.13 -13.17
C CYS F 124 -29.26 20.19 -12.98
N SER F 125 -29.50 20.57 -11.72
CA SER F 125 -30.53 21.55 -11.40
C SER F 125 -30.13 22.98 -11.72
N ALA F 126 -28.87 23.20 -12.09
CA ALA F 126 -28.34 24.51 -12.49
C ALA F 126 -28.13 25.45 -11.31
N GLN F 127 -28.73 25.18 -10.16
CA GLN F 127 -28.31 25.88 -8.96
C GLN F 127 -27.11 25.18 -8.33
N ASN F 128 -26.83 23.95 -8.77
CA ASN F 128 -25.78 23.11 -8.21
C ASN F 128 -24.45 23.33 -8.90
N PHE F 129 -24.43 24.08 -9.99
CA PHE F 129 -23.23 24.32 -10.79
C PHE F 129 -22.78 25.75 -10.51
N ALA F 130 -21.48 25.97 -10.46
CA ALA F 130 -20.93 27.28 -10.13
C ALA F 130 -19.73 27.59 -11.03
N PHE F 131 -19.52 28.89 -11.26
CA PHE F 131 -18.41 29.35 -12.08
C PHE F 131 -17.94 30.67 -11.48
N ASN F 132 -16.63 30.80 -11.28
CA ASN F 132 -16.02 32.00 -10.71
C ASN F 132 -16.61 32.34 -9.35
N GLY F 133 -16.97 31.33 -8.56
CA GLY F 133 -17.45 31.53 -7.21
C GLY F 133 -18.92 31.87 -7.06
N SER F 134 -19.69 31.90 -8.14
CA SER F 134 -21.10 32.29 -8.08
C SER F 134 -21.96 31.20 -8.72
N LEU F 135 -23.07 30.89 -8.07
CA LEU F 135 -23.96 29.86 -8.58
C LEU F 135 -24.75 30.35 -9.79
N PHE F 136 -25.10 29.40 -10.66
CA PHE F 136 -25.89 29.68 -11.86
C PHE F 136 -27.33 29.91 -11.41
N GLY F 137 -27.73 31.17 -11.24
CA GLY F 137 -29.08 31.50 -10.85
C GLY F 137 -29.68 30.57 -9.80
#